data_6XRF
#
_entry.id   6XRF
#
_cell.length_a   68.951
_cell.length_b   68.951
_cell.length_c   173.054
_cell.angle_alpha   90.000
_cell.angle_beta   90.000
_cell.angle_gamma   120.000
#
_symmetry.space_group_name_H-M   'P 32'
#
loop_
_entity.id
_entity.type
_entity.pdbx_description
1 polymer 'Effector EagT6'
2 polymer 'PAAR motif family protein'
3 water water
#
loop_
_entity_poly.entity_id
_entity_poly.type
_entity_poly.pdbx_seq_one_letter_code
_entity_poly.pdbx_strand_id
1 'polypeptide(L)'
;MTLYRLHEADLEIPDAWQDQSINIFKLPASGPAREASFVISRDASQGDAPFADYVARQLENAEKQLPGFKLHKRWDINIH
GHAAVLLDYQWQREGRDLMLRQVFIERRPAVLITTLTTTPADLPHHEPAWKQAMQTLVPRPTPSGS
;
A,B,D,E,G,H
2 'polypeptide(L)' MDAQAAARLGDEIAHGFGVAAMVAGAVAGALIGAAVVAATAATGGLAAVILAGSIAAGGLSHHHHHH C,F,I
#
# COMPACT_ATOMS: atom_id res chain seq x y z
N THR A 2 15.21 -21.00 30.72
CA THR A 2 16.07 -20.27 29.80
C THR A 2 16.15 -18.77 30.14
N LEU A 3 17.29 -18.33 30.64
CA LEU A 3 17.54 -16.89 30.76
C LEU A 3 17.89 -16.37 29.36
N TYR A 4 17.11 -15.41 28.88
CA TYR A 4 17.26 -14.88 27.54
C TYR A 4 17.89 -13.50 27.61
N ARG A 5 18.99 -13.31 26.88
CA ARG A 5 19.64 -12.01 26.81
C ARG A 5 19.34 -11.33 25.48
N LEU A 6 19.07 -10.04 25.55
CA LEU A 6 18.93 -9.19 24.38
C LEU A 6 19.82 -7.96 24.58
N HIS A 7 19.85 -7.10 23.56
CA HIS A 7 20.77 -5.97 23.60
C HIS A 7 20.49 -5.06 24.78
N GLU A 8 19.24 -4.97 25.23
CA GLU A 8 18.84 -3.95 26.20
C GLU A 8 18.41 -4.52 27.55
N ALA A 9 18.41 -5.83 27.74
CA ALA A 9 17.96 -6.38 29.02
C ALA A 9 18.12 -7.89 29.01
N ASP A 10 18.00 -8.47 30.19
CA ASP A 10 17.93 -9.92 30.39
C ASP A 10 16.61 -10.27 31.04
N LEU A 11 16.06 -11.41 30.67
CA LEU A 11 14.81 -11.87 31.27
C LEU A 11 14.71 -13.37 31.08
N GLU A 12 13.94 -14.00 31.97
CA GLU A 12 13.80 -15.45 31.98
C GLU A 12 12.61 -15.86 31.12
N ILE A 13 12.81 -16.86 30.27
CA ILE A 13 11.79 -17.33 29.33
C ILE A 13 11.54 -18.80 29.61
N PRO A 14 10.29 -19.23 29.76
CA PRO A 14 10.00 -20.67 29.81
C PRO A 14 10.56 -21.39 28.58
N ASP A 15 10.91 -22.65 28.78
CA ASP A 15 11.42 -23.45 27.66
C ASP A 15 10.31 -23.87 26.69
N ALA A 16 9.05 -23.80 27.11
CA ALA A 16 7.95 -24.13 26.22
C ALA A 16 7.68 -23.05 25.18
N TRP A 17 8.15 -21.83 25.42
CA TRP A 17 8.04 -20.76 24.42
C TRP A 17 9.06 -21.00 23.32
N GLN A 18 8.61 -21.05 22.07
CA GLN A 18 9.54 -21.25 20.95
C GLN A 18 9.96 -19.89 20.38
N ASP A 19 11.27 -19.71 20.26
CA ASP A 19 11.87 -18.43 19.88
C ASP A 19 11.79 -18.24 18.37
N GLN A 20 11.31 -17.07 17.96
CA GLN A 20 11.33 -16.68 16.55
C GLN A 20 11.95 -15.29 16.40
N SER A 21 12.85 -14.92 17.30
CA SER A 21 13.35 -13.55 17.35
C SER A 21 14.18 -13.24 16.11
N ILE A 22 14.14 -11.97 15.71
CA ILE A 22 14.81 -11.48 14.52
C ILE A 22 15.48 -10.16 14.84
N ASN A 23 16.80 -10.11 14.75
CA ASN A 23 17.53 -8.84 14.78
C ASN A 23 17.57 -8.27 13.37
N ILE A 24 17.32 -6.97 13.28
CA ILE A 24 17.18 -6.28 11.99
C ILE A 24 17.96 -4.98 12.07
N PHE A 25 18.86 -4.77 11.12
CA PHE A 25 19.60 -3.53 10.99
C PHE A 25 19.47 -3.06 9.56
N LYS A 26 19.08 -1.81 9.36
CA LYS A 26 18.97 -1.23 8.03
C LYS A 26 20.24 -0.43 7.76
N LEU A 27 20.97 -0.81 6.72
CA LEU A 27 22.14 -0.05 6.31
C LEU A 27 21.69 1.21 5.58
N PRO A 28 22.02 2.40 6.07
CA PRO A 28 21.50 3.62 5.43
C PRO A 28 22.07 3.82 4.04
N ALA A 29 21.33 4.59 3.24
CA ALA A 29 21.78 4.92 1.89
C ALA A 29 23.07 5.72 1.95
N SER A 30 23.91 5.51 0.94
CA SER A 30 25.24 6.12 0.93
C SER A 30 25.66 6.39 -0.51
N GLY A 31 25.91 7.64 -0.84
CA GLY A 31 26.39 8.02 -2.15
C GLY A 31 25.52 7.50 -3.26
N PRO A 32 26.09 6.66 -4.14
CA PRO A 32 25.29 6.09 -5.23
C PRO A 32 24.43 4.91 -4.80
N ALA A 33 24.71 4.31 -3.64
CA ALA A 33 24.07 3.09 -3.22
C ALA A 33 22.80 3.37 -2.43
N ARG A 34 21.76 2.58 -2.69
CA ARG A 34 20.54 2.64 -1.91
C ARG A 34 20.71 1.89 -0.59
N GLU A 35 19.71 1.99 0.28
CA GLU A 35 19.77 1.33 1.57
C GLU A 35 19.78 -0.19 1.38
N ALA A 36 20.48 -0.87 2.30
CA ALA A 36 20.54 -2.32 2.36
C ALA A 36 20.08 -2.78 3.75
N SER A 37 19.97 -4.09 3.94
CA SER A 37 19.51 -4.64 5.21
C SER A 37 20.40 -5.78 5.65
N PHE A 38 20.62 -5.88 6.96
CA PHE A 38 21.35 -6.97 7.59
C PHE A 38 20.45 -7.57 8.66
N VAL A 39 20.19 -8.87 8.57
CA VAL A 39 19.20 -9.53 9.40
C VAL A 39 19.80 -10.77 10.04
N ILE A 40 19.55 -10.94 11.33
CA ILE A 40 19.95 -12.13 12.07
C ILE A 40 18.67 -12.89 12.43
N SER A 41 18.57 -14.13 11.94
CA SER A 41 17.41 -14.98 12.17
C SER A 41 17.90 -16.30 12.73
N ARG A 42 16.96 -17.08 13.27
CA ARG A 42 17.28 -18.39 13.83
C ARG A 42 16.44 -19.46 13.15
N ASP A 43 17.00 -20.67 13.06
CA ASP A 43 16.33 -21.81 12.46
C ASP A 43 16.66 -23.05 13.27
N ALA A 44 15.63 -23.63 13.90
CA ALA A 44 15.79 -24.81 14.75
C ALA A 44 15.35 -26.08 14.04
N SER A 45 15.36 -26.10 12.71
CA SER A 45 14.85 -27.21 11.94
C SER A 45 15.80 -28.38 11.82
N GLN A 46 17.08 -28.19 12.15
CA GLN A 46 18.10 -29.13 11.73
C GLN A 46 17.83 -30.53 12.23
N GLY A 47 17.37 -30.67 13.47
CA GLY A 47 17.11 -31.98 14.01
C GLY A 47 18.38 -32.80 14.09
N ASP A 48 18.40 -33.95 13.41
CA ASP A 48 19.52 -34.88 13.49
C ASP A 48 20.36 -34.93 12.23
N ALA A 49 19.92 -34.30 11.14
CA ALA A 49 20.70 -34.33 9.91
C ALA A 49 22.06 -33.68 10.13
N PRO A 50 23.08 -34.12 9.40
CA PRO A 50 24.38 -33.40 9.46
C PRO A 50 24.21 -31.99 8.95
N PHE A 51 25.13 -31.12 9.37
CA PHE A 51 25.03 -29.71 8.98
C PHE A 51 25.16 -29.53 7.48
N ALA A 52 26.10 -30.25 6.85
CA ALA A 52 26.30 -30.10 5.42
C ALA A 52 25.03 -30.40 4.65
N ASP A 53 24.24 -31.37 5.12
CA ASP A 53 22.99 -31.70 4.44
C ASP A 53 21.88 -30.73 4.79
N TYR A 54 21.94 -30.10 5.96
CA TYR A 54 20.98 -29.06 6.30
C TYR A 54 21.08 -27.90 5.31
N VAL A 55 22.30 -27.42 5.06
CA VAL A 55 22.49 -26.34 4.10
C VAL A 55 21.87 -26.72 2.76
N ALA A 56 22.07 -27.96 2.33
CA ALA A 56 21.48 -28.44 1.08
C ALA A 56 19.96 -28.29 1.09
N ARG A 57 19.33 -28.69 2.20
CA ARG A 57 17.89 -28.50 2.34
C ARG A 57 17.54 -27.02 2.23
N GLN A 58 18.40 -26.14 2.75
CA GLN A 58 18.15 -24.71 2.63
C GLN A 58 18.31 -24.25 1.18
N LEU A 59 19.28 -24.82 0.46
CA LEU A 59 19.48 -24.45 -0.92
C LEU A 59 18.29 -24.89 -1.77
N GLU A 60 17.86 -26.15 -1.59
CA GLU A 60 16.75 -26.67 -2.38
C GLU A 60 15.49 -25.86 -2.16
N ASN A 61 15.23 -25.46 -0.92
CA ASN A 61 14.05 -24.65 -0.61
C ASN A 61 14.14 -23.27 -1.24
N ALA A 62 15.32 -22.65 -1.20
CA ALA A 62 15.47 -21.32 -1.77
C ALA A 62 15.25 -21.32 -3.27
N GLU A 63 15.81 -22.31 -3.98
CA GLU A 63 15.60 -22.41 -5.43
C GLU A 63 14.13 -22.64 -5.75
N LYS A 64 13.41 -23.32 -4.87
CA LYS A 64 12.01 -23.66 -5.13
C LYS A 64 11.08 -22.47 -4.89
N GLN A 65 11.36 -21.65 -3.87
CA GLN A 65 10.42 -20.64 -3.43
C GLN A 65 10.83 -19.20 -3.73
N LEU A 66 12.10 -18.93 -4.02
CA LEU A 66 12.52 -17.57 -4.34
C LEU A 66 12.52 -17.40 -5.86
N PRO A 67 11.72 -16.48 -6.42
CA PRO A 67 11.57 -16.43 -7.88
C PRO A 67 12.81 -15.79 -8.50
N GLY A 68 13.32 -16.43 -9.55
CA GLY A 68 14.55 -15.97 -10.16
C GLY A 68 15.79 -16.24 -9.35
N PHE A 69 15.79 -17.31 -8.56
CA PHE A 69 16.95 -17.67 -7.76
C PHE A 69 18.17 -17.87 -8.64
N LYS A 70 19.28 -17.26 -8.24
CA LYS A 70 20.57 -17.49 -8.91
C LYS A 70 21.66 -17.63 -7.87
N LEU A 71 22.28 -18.82 -7.82
CA LEU A 71 23.40 -19.04 -6.92
C LEU A 71 24.68 -18.50 -7.53
N HIS A 72 25.41 -17.71 -6.74
CA HIS A 72 26.71 -17.17 -7.16
C HIS A 72 27.88 -17.91 -6.52
N LYS A 73 27.83 -18.15 -5.22
CA LYS A 73 28.93 -18.76 -4.50
C LYS A 73 28.40 -19.69 -3.41
N ARG A 74 29.12 -20.78 -3.16
CA ARG A 74 28.98 -21.54 -1.92
C ARG A 74 30.34 -21.61 -1.24
N TRP A 75 30.37 -21.27 0.05
CA TRP A 75 31.58 -21.21 0.87
C TRP A 75 31.34 -22.08 2.09
N ASP A 76 32.07 -23.18 2.23
CA ASP A 76 32.07 -23.94 3.48
C ASP A 76 33.24 -23.43 4.31
N ILE A 77 32.93 -22.57 5.29
CA ILE A 77 33.95 -21.85 6.06
C ILE A 77 33.84 -22.19 7.53
N ASN A 78 34.47 -21.38 8.38
CA ASN A 78 34.45 -21.58 9.82
C ASN A 78 34.30 -20.25 10.53
N ILE A 79 33.52 -20.25 11.60
CA ILE A 79 33.31 -19.07 12.45
C ILE A 79 33.60 -19.50 13.90
N HIS A 80 34.73 -19.06 14.43
CA HIS A 80 35.10 -19.25 15.84
C HIS A 80 34.76 -20.67 16.32
N GLY A 81 35.19 -21.66 15.55
CA GLY A 81 35.03 -23.05 15.93
C GLY A 81 33.73 -23.70 15.51
N HIS A 82 32.85 -22.97 14.83
CA HIS A 82 31.58 -23.49 14.37
C HIS A 82 31.62 -23.63 12.85
N ALA A 83 31.16 -24.77 12.34
CA ALA A 83 31.02 -24.95 10.90
C ALA A 83 30.04 -23.92 10.36
N ALA A 84 30.41 -23.30 9.23
CA ALA A 84 29.58 -22.27 8.62
C ALA A 84 29.58 -22.43 7.12
N VAL A 85 28.50 -21.99 6.48
CA VAL A 85 28.41 -21.95 5.03
C VAL A 85 27.98 -20.55 4.63
N LEU A 86 28.64 -19.99 3.61
CA LEU A 86 28.33 -18.67 3.09
C LEU A 86 27.69 -18.82 1.72
N LEU A 87 26.56 -18.14 1.52
CA LEU A 87 25.80 -18.20 0.29
C LEU A 87 25.76 -16.82 -0.35
N ASP A 88 26.19 -16.73 -1.61
CA ASP A 88 25.96 -15.54 -2.43
C ASP A 88 25.00 -15.97 -3.54
N TYR A 89 23.80 -15.41 -3.53
CA TYR A 89 22.81 -15.68 -4.57
C TYR A 89 21.98 -14.42 -4.78
N GLN A 90 21.13 -14.47 -5.80
CA GLN A 90 20.27 -13.34 -6.14
C GLN A 90 18.91 -13.87 -6.52
N TRP A 91 17.87 -13.08 -6.21
CA TRP A 91 16.52 -13.38 -6.62
C TRP A 91 15.83 -12.08 -6.98
N GLN A 92 14.62 -12.20 -7.53
CA GLN A 92 13.87 -11.08 -8.07
C GLN A 92 12.65 -10.80 -7.20
N ARG A 93 12.46 -9.53 -6.87
CA ARG A 93 11.31 -9.07 -6.10
C ARG A 93 10.73 -7.88 -6.82
N GLU A 94 9.57 -8.08 -7.46
CA GLU A 94 8.84 -7.00 -8.11
C GLU A 94 9.72 -6.29 -9.14
N GLY A 95 10.34 -7.09 -10.02
CA GLY A 95 11.17 -6.60 -11.09
C GLY A 95 12.51 -6.05 -10.67
N ARG A 96 12.84 -6.07 -9.38
CA ARG A 96 14.09 -5.55 -8.87
C ARG A 96 15.02 -6.71 -8.51
N ASP A 97 16.24 -6.68 -9.02
CA ASP A 97 17.22 -7.72 -8.74
C ASP A 97 17.85 -7.47 -7.37
N LEU A 98 17.73 -8.45 -6.48
CA LEU A 98 18.30 -8.38 -5.14
C LEU A 98 19.48 -9.34 -5.05
N MET A 99 20.59 -8.86 -4.50
CA MET A 99 21.78 -9.67 -4.27
C MET A 99 21.87 -9.99 -2.79
N LEU A 100 21.94 -11.28 -2.47
CA LEU A 100 21.93 -11.75 -1.09
C LEU A 100 23.27 -12.35 -0.70
N ARG A 101 23.64 -12.17 0.56
CA ARG A 101 24.80 -12.79 1.17
C ARG A 101 24.37 -13.36 2.51
N GLN A 102 24.24 -14.69 2.58
CA GLN A 102 23.60 -15.37 3.70
C GLN A 102 24.57 -16.36 4.33
N VAL A 103 24.71 -16.31 5.66
CA VAL A 103 25.62 -17.17 6.38
C VAL A 103 24.80 -18.06 7.31
N PHE A 104 25.09 -19.36 7.29
CA PHE A 104 24.47 -20.34 8.18
C PHE A 104 25.53 -20.82 9.16
N ILE A 105 25.31 -20.58 10.45
CA ILE A 105 26.28 -20.89 11.49
C ILE A 105 25.67 -22.00 12.35
N GLU A 106 26.28 -23.18 12.32
CA GLU A 106 25.72 -24.31 13.04
C GLU A 106 25.84 -24.08 14.55
N ARG A 107 24.73 -24.29 15.25
CA ARG A 107 24.65 -24.12 16.69
C ARG A 107 23.40 -24.85 17.14
N ARG A 108 23.38 -25.21 18.42
CA ARG A 108 22.18 -25.76 19.02
C ARG A 108 21.66 -24.79 20.10
N PRO A 109 20.34 -24.69 20.27
CA PRO A 109 19.31 -25.52 19.62
C PRO A 109 18.87 -25.06 18.23
N ALA A 110 19.45 -23.99 17.70
CA ALA A 110 19.02 -23.48 16.40
C ALA A 110 20.19 -22.88 15.65
N VAL A 111 20.17 -23.04 14.32
CA VAL A 111 21.18 -22.45 13.46
C VAL A 111 21.01 -20.95 13.43
N LEU A 112 22.11 -20.22 13.62
CA LEU A 112 22.13 -18.77 13.47
C LEU A 112 22.30 -18.43 11.99
N ILE A 113 21.48 -17.51 11.49
CA ILE A 113 21.50 -17.12 10.08
C ILE A 113 21.66 -15.61 10.00
N THR A 114 22.67 -15.16 9.25
CA THR A 114 22.85 -13.75 8.92
C THR A 114 22.55 -13.56 7.44
N THR A 115 21.75 -12.55 7.12
CA THR A 115 21.32 -12.30 5.75
C THR A 115 21.51 -10.83 5.41
N LEU A 116 22.32 -10.55 4.40
CA LEU A 116 22.51 -9.20 3.87
C LEU A 116 21.76 -9.12 2.54
N THR A 117 20.86 -8.16 2.42
CA THR A 117 20.12 -7.93 1.19
C THR A 117 20.51 -6.58 0.61
N THR A 118 20.98 -6.59 -0.63
CA THR A 118 21.34 -5.38 -1.36
C THR A 118 21.10 -5.67 -2.84
N THR A 119 21.64 -4.82 -3.71
CA THR A 119 21.55 -4.99 -5.16
C THR A 119 22.93 -5.37 -5.70
N PRO A 120 23.01 -6.15 -6.80
CA PRO A 120 24.34 -6.53 -7.28
C PRO A 120 25.25 -5.33 -7.48
N ALA A 121 24.68 -4.20 -7.94
CA ALA A 121 25.47 -2.99 -8.12
C ALA A 121 25.93 -2.42 -6.78
N ASP A 122 25.06 -2.42 -5.79
CA ASP A 122 25.38 -1.83 -4.50
C ASP A 122 26.15 -2.76 -3.57
N LEU A 123 26.22 -4.05 -3.88
CA LEU A 123 26.89 -4.98 -2.97
C LEU A 123 28.33 -4.59 -2.65
N PRO A 124 29.19 -4.29 -3.63
CA PRO A 124 30.57 -3.93 -3.28
C PRO A 124 30.68 -2.76 -2.31
N HIS A 125 29.72 -1.84 -2.36
CA HIS A 125 29.74 -0.70 -1.46
C HIS A 125 29.50 -1.13 -0.01
N HIS A 126 28.54 -2.02 0.22
CA HIS A 126 28.19 -2.44 1.57
C HIS A 126 29.01 -3.63 2.06
N GLU A 127 29.78 -4.25 1.18
CA GLU A 127 30.58 -5.40 1.61
C GLU A 127 31.56 -5.05 2.71
N PRO A 128 32.21 -3.88 2.72
CA PRO A 128 33.06 -3.54 3.87
C PRO A 128 32.32 -3.59 5.20
N ALA A 129 31.19 -2.88 5.30
CA ALA A 129 30.45 -2.89 6.57
C ALA A 129 29.98 -4.29 6.92
N TRP A 130 29.51 -5.05 5.93
CA TRP A 130 29.12 -6.43 6.18
C TRP A 130 30.33 -7.26 6.60
N LYS A 131 31.46 -7.11 5.90
CA LYS A 131 32.66 -7.85 6.28
C LYS A 131 33.07 -7.50 7.70
N GLN A 132 32.99 -6.23 8.08
CA GLN A 132 33.30 -5.81 9.43
C GLN A 132 32.52 -6.64 10.45
N ALA A 133 31.20 -6.68 10.30
CA ALA A 133 30.37 -7.32 11.32
C ALA A 133 30.66 -8.80 11.46
N MET A 134 30.65 -9.54 10.34
CA MET A 134 30.76 -10.99 10.42
C MET A 134 32.10 -11.43 11.00
N GLN A 135 33.17 -10.70 10.73
CA GLN A 135 34.46 -11.01 11.33
C GLN A 135 34.47 -10.77 12.83
N THR A 136 33.48 -10.04 13.36
CA THR A 136 33.40 -9.76 14.79
C THR A 136 32.50 -10.74 15.53
N LEU A 137 31.80 -11.61 14.82
CA LEU A 137 30.77 -12.45 15.44
C LEU A 137 31.41 -13.55 16.28
N VAL A 138 31.08 -13.57 17.57
CA VAL A 138 31.52 -14.63 18.47
C VAL A 138 30.28 -15.34 19.02
N PRO A 139 29.99 -16.58 18.60
CA PRO A 139 28.89 -17.31 19.25
C PRO A 139 29.16 -17.49 20.73
N ARG A 140 28.12 -17.28 21.51
CA ARG A 140 28.25 -17.31 22.96
C ARG A 140 27.89 -18.67 23.51
N PRO A 141 28.66 -19.22 24.47
CA PRO A 141 28.21 -20.46 25.11
C PRO A 141 26.89 -20.28 25.84
N THR B 2 30.64 -0.12 18.97
CA THR B 2 29.22 -0.31 19.21
C THR B 2 28.89 -1.80 19.13
N LEU B 3 29.17 -2.51 20.22
CA LEU B 3 28.96 -3.95 20.28
C LEU B 3 27.48 -4.25 20.54
N TYR B 4 26.92 -5.18 19.76
CA TYR B 4 25.53 -5.58 19.90
C TYR B 4 25.47 -6.98 20.53
N ARG B 5 24.65 -7.12 21.56
CA ARG B 5 24.52 -8.37 22.31
C ARG B 5 23.20 -9.04 21.97
N LEU B 6 23.26 -10.29 21.54
CA LEU B 6 22.08 -11.11 21.35
C LEU B 6 22.27 -12.43 22.10
N HIS B 7 21.19 -13.20 22.20
CA HIS B 7 21.22 -14.40 23.03
C HIS B 7 22.31 -15.37 22.57
N GLU B 8 22.66 -15.35 21.29
CA GLU B 8 23.52 -16.37 20.72
C GLU B 8 24.90 -15.87 20.33
N ALA B 9 25.16 -14.56 20.40
CA ALA B 9 26.45 -14.07 19.93
C ALA B 9 26.64 -12.60 20.28
N ASP B 10 27.89 -12.17 20.15
CA ASP B 10 28.28 -10.77 20.17
C ASP B 10 28.74 -10.37 18.78
N LEU B 11 28.51 -9.10 18.42
CA LEU B 11 29.06 -8.59 17.17
C LEU B 11 29.09 -7.07 17.21
N GLU B 12 29.99 -6.50 16.41
CA GLU B 12 30.10 -5.06 16.28
C GLU B 12 29.22 -4.58 15.14
N ILE B 13 28.32 -3.64 15.43
CA ILE B 13 27.43 -3.05 14.44
C ILE B 13 27.78 -1.58 14.34
N PRO B 14 28.02 -1.04 13.14
CA PRO B 14 28.21 0.42 13.02
C PRO B 14 27.00 1.15 13.57
N ASP B 15 27.25 2.38 14.05
CA ASP B 15 26.13 3.19 14.55
C ASP B 15 25.27 3.75 13.42
N ALA B 16 25.82 3.84 12.21
CA ALA B 16 25.02 4.27 11.07
C ALA B 16 23.89 3.31 10.76
N TRP B 17 23.98 2.07 11.23
CA TRP B 17 22.93 1.08 11.01
C TRP B 17 21.78 1.29 11.99
N GLN B 18 20.55 1.18 11.48
CA GLN B 18 19.35 1.43 12.27
C GLN B 18 18.83 0.12 12.86
N ASP B 19 18.74 0.06 14.19
CA ASP B 19 18.22 -1.13 14.87
C ASP B 19 16.71 -1.17 14.73
N GLN B 20 16.19 -2.27 14.17
CA GLN B 20 14.75 -2.51 14.10
C GLN B 20 14.40 -3.89 14.65
N SER B 21 15.18 -4.39 15.60
CA SER B 21 15.04 -5.78 16.04
C SER B 21 13.70 -6.01 16.73
N ILE B 22 13.20 -7.25 16.61
CA ILE B 22 11.95 -7.69 17.22
C ILE B 22 12.20 -9.06 17.83
N ASN B 23 12.12 -9.16 19.16
CA ASN B 23 12.14 -10.46 19.81
C ASN B 23 10.74 -11.05 19.81
N ILE B 24 10.64 -12.34 19.49
CA ILE B 24 9.35 -12.99 19.27
C ILE B 24 9.36 -14.36 19.95
N PHE B 25 8.30 -14.65 20.69
CA PHE B 25 8.10 -15.95 21.31
C PHE B 25 6.63 -16.35 21.12
N LYS B 26 6.40 -17.58 20.67
CA LYS B 26 5.05 -18.13 20.63
C LYS B 26 4.79 -18.86 21.95
N LEU B 27 3.76 -18.45 22.67
CA LEU B 27 3.39 -19.13 23.90
C LEU B 27 2.58 -20.38 23.58
N PRO B 28 2.86 -21.51 24.22
CA PRO B 28 2.12 -22.73 23.91
C PRO B 28 0.73 -22.69 24.53
N ALA B 29 -0.17 -23.45 23.91
CA ALA B 29 -1.51 -23.61 24.47
C ALA B 29 -1.41 -24.29 25.82
N SER B 30 -2.30 -23.89 26.74
CA SER B 30 -2.25 -24.41 28.10
C SER B 30 -3.67 -24.51 28.64
N GLY B 31 -4.11 -25.73 28.91
CA GLY B 31 -5.45 -25.97 29.39
C GLY B 31 -6.48 -25.61 28.35
N PRO B 32 -7.46 -24.79 28.73
CA PRO B 32 -8.48 -24.37 27.76
C PRO B 32 -8.02 -23.26 26.84
N ALA B 33 -6.87 -22.66 27.11
CA ALA B 33 -6.42 -21.47 26.42
C ALA B 33 -5.58 -21.84 25.20
N ARG B 34 -5.55 -20.94 24.23
CA ARG B 34 -4.85 -21.16 22.98
C ARG B 34 -3.45 -20.55 23.04
N GLU B 35 -2.70 -20.74 21.97
CA GLU B 35 -1.38 -20.13 21.87
C GLU B 35 -1.50 -18.62 21.98
N ALA B 36 -0.47 -18.00 22.54
CA ALA B 36 -0.34 -16.56 22.61
C ALA B 36 1.01 -16.19 22.03
N SER B 37 1.28 -14.89 21.92
CA SER B 37 2.57 -14.41 21.47
C SER B 37 3.07 -13.36 22.46
N PHE B 38 4.40 -13.31 22.57
CA PHE B 38 5.09 -12.34 23.42
C PHE B 38 6.15 -11.69 22.56
N VAL B 39 6.06 -10.37 22.38
CA VAL B 39 6.90 -9.65 21.45
C VAL B 39 7.58 -8.48 22.17
N ILE B 40 8.87 -8.29 21.88
CA ILE B 40 9.64 -7.17 22.39
C ILE B 40 10.07 -6.33 21.20
N SER B 41 9.63 -5.07 21.19
CA SER B 41 9.93 -4.14 20.11
C SER B 41 10.53 -2.88 20.71
N ARG B 42 11.18 -2.09 19.86
CA ARG B 42 11.79 -0.84 20.28
C ARG B 42 11.14 0.33 19.56
N ASP B 43 11.26 1.51 20.16
CA ASP B 43 10.70 2.73 19.61
C ASP B 43 11.62 3.89 19.94
N ALA B 44 12.04 4.63 18.91
CA ALA B 44 12.87 5.82 19.08
C ALA B 44 12.10 7.11 18.82
N SER B 45 10.80 7.02 18.55
CA SER B 45 10.03 8.20 18.20
C SER B 45 9.88 9.18 19.34
N GLN B 46 10.04 8.71 20.59
CA GLN B 46 9.73 9.54 21.74
C GLN B 46 10.41 10.91 21.64
N GLY B 47 11.72 10.91 21.46
CA GLY B 47 12.44 12.17 21.36
C GLY B 47 12.58 12.82 22.72
N ASP B 48 12.32 14.13 22.76
CA ASP B 48 12.38 14.90 24.00
C ASP B 48 11.07 14.95 24.76
N ALA B 49 9.96 14.51 24.15
CA ALA B 49 8.69 14.49 24.85
C ALA B 49 8.82 13.62 26.10
N PRO B 50 8.13 13.98 27.18
CA PRO B 50 8.24 13.16 28.40
C PRO B 50 7.48 11.84 28.25
N PHE B 51 7.93 10.86 29.04
CA PHE B 51 7.35 9.52 28.98
C PHE B 51 5.83 9.55 29.04
N ALA B 52 5.27 10.32 30.00
CA ALA B 52 3.83 10.36 30.16
C ALA B 52 3.14 10.84 28.88
N ASP B 53 3.67 11.88 28.26
CA ASP B 53 3.08 12.38 27.02
C ASP B 53 3.41 11.48 25.83
N TYR B 54 4.57 10.80 25.86
CA TYR B 54 4.84 9.76 24.89
C TYR B 54 3.84 8.62 25.03
N VAL B 55 3.75 8.05 26.24
CA VAL B 55 2.74 7.02 26.50
C VAL B 55 1.37 7.55 26.13
N ALA B 56 1.11 8.83 26.43
CA ALA B 56 -0.14 9.45 26.06
C ALA B 56 -0.41 9.28 24.57
N ARG B 57 0.58 9.59 23.73
CA ARG B 57 0.38 9.54 22.28
C ARG B 57 0.16 8.12 21.78
N GLN B 58 0.63 7.11 22.50
CA GLN B 58 0.48 5.73 22.03
C GLN B 58 -0.98 5.28 22.08
N LEU B 59 -1.72 5.69 23.11
CA LEU B 59 -3.13 5.30 23.23
C LEU B 59 -3.97 6.01 22.18
N GLU B 60 -3.73 7.31 22.01
CA GLU B 60 -4.39 8.12 21.00
C GLU B 60 -4.35 7.47 19.62
N ASN B 61 -3.21 6.87 19.28
CA ASN B 61 -3.09 6.19 17.99
C ASN B 61 -3.70 4.80 18.03
N ALA B 62 -3.53 4.08 19.14
CA ALA B 62 -4.14 2.76 19.26
C ALA B 62 -5.66 2.84 19.32
N GLU B 63 -6.20 3.95 19.84
CA GLU B 63 -7.63 4.11 20.05
C GLU B 63 -8.38 4.45 18.76
N LYS B 64 -7.68 4.97 17.76
CA LYS B 64 -8.28 5.27 16.47
C LYS B 64 -8.03 4.21 15.42
N GLN B 65 -7.01 3.36 15.61
CA GLN B 65 -6.55 2.46 14.57
C GLN B 65 -6.97 1.01 14.77
N LEU B 66 -7.42 0.64 15.97
CA LEU B 66 -7.81 -0.74 16.25
C LEU B 66 -9.33 -0.83 16.36
N PRO B 67 -10.00 -1.55 15.47
CA PRO B 67 -11.46 -1.66 15.56
C PRO B 67 -11.91 -2.18 16.90
N GLY B 68 -12.86 -1.47 17.51
CA GLY B 68 -13.40 -1.87 18.78
C GLY B 68 -12.45 -1.72 19.95
N PHE B 69 -11.63 -0.66 19.95
CA PHE B 69 -10.70 -0.45 21.04
C PHE B 69 -11.44 -0.03 22.31
N LYS B 70 -10.97 -0.51 23.46
CA LYS B 70 -11.40 0.00 24.74
C LYS B 70 -10.44 -0.52 25.80
N LEU B 71 -10.12 0.33 26.79
CA LEU B 71 -9.00 0.13 27.68
C LEU B 71 -9.47 -0.49 29.00
N HIS B 72 -8.89 -1.64 29.36
CA HIS B 72 -9.27 -2.31 30.59
C HIS B 72 -8.50 -1.82 31.81
N LYS B 73 -7.17 -1.76 31.75
CA LYS B 73 -6.36 -1.38 32.91
C LYS B 73 -5.16 -0.54 32.50
N ARG B 74 -4.57 0.14 33.48
CA ARG B 74 -3.30 0.83 33.30
C ARG B 74 -2.51 0.82 34.61
N TRP B 75 -1.25 0.41 34.54
CA TRP B 75 -0.34 0.55 35.66
C TRP B 75 0.69 1.63 35.36
N ASP B 76 1.18 2.27 36.43
CA ASP B 76 2.43 3.03 36.43
C ASP B 76 3.29 2.40 37.52
N ILE B 77 4.41 1.78 37.11
CA ILE B 77 5.30 1.03 37.99
C ILE B 77 6.72 1.35 37.59
N ASN B 78 7.67 0.93 38.41
CA ASN B 78 9.09 1.08 38.12
C ASN B 78 9.75 -0.28 38.03
N ILE B 79 10.48 -0.51 36.94
CA ILE B 79 11.28 -1.73 36.77
C ILE B 79 12.74 -1.33 36.92
N HIS B 80 13.33 -1.69 38.06
CA HIS B 80 14.76 -1.48 38.33
C HIS B 80 15.19 -0.06 37.99
N GLY B 81 14.39 0.91 38.44
CA GLY B 81 14.70 2.30 38.24
C GLY B 81 14.15 2.92 36.98
N HIS B 82 13.57 2.12 36.09
CA HIS B 82 13.01 2.59 34.83
C HIS B 82 11.50 2.74 34.97
N ALA B 83 10.97 3.86 34.48
CA ALA B 83 9.54 4.09 34.51
C ALA B 83 8.85 3.18 33.50
N ALA B 84 7.74 2.57 33.92
CA ALA B 84 7.00 1.65 33.07
C ALA B 84 5.51 1.84 33.24
N VAL B 85 4.77 1.74 32.13
CA VAL B 85 3.32 1.80 32.09
C VAL B 85 2.82 0.50 31.49
N LEU B 86 1.80 -0.10 32.12
CA LEU B 86 1.24 -1.37 31.67
C LEU B 86 -0.20 -1.15 31.24
N LEU B 87 -0.54 -1.60 30.03
CA LEU B 87 -1.87 -1.40 29.47
C LEU B 87 -2.52 -2.75 29.18
N ASP B 88 -3.78 -2.88 29.57
CA ASP B 88 -4.64 -4.00 29.21
C ASP B 88 -5.78 -3.44 28.36
N TYR B 89 -5.78 -3.74 27.06
CA TYR B 89 -6.86 -3.25 26.21
C TYR B 89 -7.29 -4.31 25.21
N GLN B 90 -8.44 -4.04 24.58
CA GLN B 90 -9.23 -5.03 23.86
C GLN B 90 -9.56 -4.46 22.49
N TRP B 91 -9.51 -5.33 21.47
CA TRP B 91 -9.84 -4.91 20.11
C TRP B 91 -10.23 -6.17 19.33
N GLN B 92 -11.02 -5.96 18.26
CA GLN B 92 -11.55 -7.05 17.45
C GLN B 92 -10.87 -7.03 16.09
N ARG B 93 -10.28 -8.16 15.70
CA ARG B 93 -9.76 -8.35 14.34
C ARG B 93 -10.62 -9.43 13.69
N GLU B 94 -11.37 -9.05 12.66
CA GLU B 94 -12.29 -9.96 11.98
C GLU B 94 -13.24 -10.61 12.97
N GLY B 95 -13.89 -9.76 13.77
CA GLY B 95 -14.98 -10.17 14.63
C GLY B 95 -14.62 -11.05 15.80
N ARG B 96 -13.33 -11.33 16.03
CA ARG B 96 -12.90 -12.13 17.16
C ARG B 96 -12.20 -11.25 18.17
N ASP B 97 -12.50 -11.46 19.45
CA ASP B 97 -11.98 -10.60 20.50
C ASP B 97 -10.51 -10.89 20.76
N LEU B 98 -9.68 -9.87 20.61
CA LEU B 98 -8.27 -9.96 20.93
C LEU B 98 -7.97 -9.08 22.14
N MET B 99 -7.14 -9.59 23.05
CA MET B 99 -6.70 -8.87 24.23
C MET B 99 -5.20 -8.67 24.15
N LEU B 100 -4.75 -7.44 24.44
CA LEU B 100 -3.34 -7.10 24.48
C LEU B 100 -2.95 -6.67 25.87
N ARG B 101 -1.80 -7.14 26.32
CA ARG B 101 -1.15 -6.69 27.56
C ARG B 101 0.20 -6.12 27.14
N GLN B 102 0.36 -4.80 27.26
CA GLN B 102 1.51 -4.10 26.71
C GLN B 102 2.18 -3.27 27.80
N VAL B 103 3.49 -3.37 27.88
CA VAL B 103 4.28 -2.62 28.85
C VAL B 103 5.30 -1.78 28.07
N PHE B 104 5.34 -0.49 28.36
CA PHE B 104 6.30 0.45 27.79
C PHE B 104 7.32 0.77 28.85
N ILE B 105 8.59 0.52 28.55
CA ILE B 105 9.69 0.73 29.49
C ILE B 105 10.51 1.89 28.96
N GLU B 106 10.54 2.99 29.71
CA GLU B 106 11.29 4.16 29.25
C GLU B 106 12.77 3.83 29.21
N ARG B 107 13.40 4.19 28.10
CA ARG B 107 14.79 3.87 27.87
C ARG B 107 15.24 4.65 26.65
N ARG B 108 16.54 4.88 26.57
CA ARG B 108 17.10 5.46 25.35
C ARG B 108 18.45 4.84 25.08
N PRO B 109 18.80 4.67 23.80
CA PRO B 109 18.16 5.40 22.70
C PRO B 109 16.76 5.01 22.24
N ALA B 110 16.13 3.97 22.79
CA ALA B 110 14.78 3.62 22.37
C ALA B 110 13.97 3.03 23.53
N VAL B 111 12.67 3.35 23.53
CA VAL B 111 11.77 2.79 24.52
C VAL B 111 11.57 1.30 24.24
N LEU B 112 11.69 0.48 25.29
CA LEU B 112 11.37 -0.93 25.18
C LEU B 112 9.86 -1.14 25.31
N ILE B 113 9.31 -1.98 24.45
CA ILE B 113 7.89 -2.31 24.48
C ILE B 113 7.74 -3.82 24.53
N THR B 114 6.94 -4.29 25.48
CA THR B 114 6.55 -5.69 25.60
C THR B 114 5.08 -5.81 25.23
N THR B 115 4.74 -6.78 24.40
CA THR B 115 3.36 -6.97 23.98
C THR B 115 2.99 -8.45 24.06
N LEU B 116 1.98 -8.77 24.84
CA LEU B 116 1.38 -10.10 24.91
C LEU B 116 0.03 -10.04 24.23
N THR B 117 -0.20 -10.92 23.26
CA THR B 117 -1.47 -11.01 22.57
C THR B 117 -2.15 -12.31 22.96
N THR B 118 -3.45 -12.23 23.27
CA THR B 118 -4.25 -13.39 23.60
C THR B 118 -5.71 -12.98 23.42
N THR B 119 -6.62 -13.75 23.99
CA THR B 119 -8.03 -13.41 24.00
C THR B 119 -8.45 -13.10 25.43
N PRO B 120 -9.48 -12.27 25.63
CA PRO B 120 -9.95 -12.03 27.01
C PRO B 120 -10.13 -13.32 27.79
N ALA B 121 -10.67 -14.36 27.14
CA ALA B 121 -10.90 -15.62 27.82
C ALA B 121 -9.59 -16.25 28.30
N ASP B 122 -8.56 -16.21 27.47
CA ASP B 122 -7.34 -16.96 27.71
C ASP B 122 -6.31 -16.23 28.57
N LEU B 123 -6.51 -14.94 28.85
CA LEU B 123 -5.48 -14.18 29.57
C LEU B 123 -5.13 -14.80 30.92
N PRO B 124 -6.07 -15.25 31.73
CA PRO B 124 -5.69 -15.83 33.03
C PRO B 124 -4.79 -17.04 32.91
N HIS B 125 -4.92 -17.81 31.83
CA HIS B 125 -4.14 -19.04 31.68
C HIS B 125 -2.70 -18.75 31.27
N HIS B 126 -2.49 -17.71 30.46
CA HIS B 126 -1.15 -17.30 30.06
C HIS B 126 -0.53 -16.28 31.01
N GLU B 127 -1.29 -15.76 31.98
CA GLU B 127 -0.77 -14.72 32.85
C GLU B 127 0.38 -15.20 33.75
N PRO B 128 0.30 -16.41 34.33
CA PRO B 128 1.43 -16.84 35.18
C PRO B 128 2.77 -16.82 34.45
N ALA B 129 2.85 -17.38 33.26
CA ALA B 129 4.10 -17.38 32.52
C ALA B 129 4.52 -15.96 32.15
N TRP B 130 3.56 -15.10 31.80
CA TRP B 130 3.88 -13.71 31.51
C TRP B 130 4.43 -13.02 32.74
N LYS B 131 3.84 -13.29 33.91
CA LYS B 131 4.34 -12.71 35.16
C LYS B 131 5.77 -13.14 35.42
N GLN B 132 6.09 -14.41 35.18
CA GLN B 132 7.47 -14.88 35.27
C GLN B 132 8.38 -14.01 34.40
N ALA B 133 8.01 -13.82 33.14
CA ALA B 133 8.87 -13.12 32.21
C ALA B 133 9.17 -11.69 32.67
N MET B 134 8.14 -10.98 33.14
CA MET B 134 8.32 -9.56 33.46
C MET B 134 8.96 -9.33 34.83
N GLN B 135 8.72 -10.22 35.79
CA GLN B 135 9.37 -10.07 37.09
C GLN B 135 10.88 -10.28 37.01
N THR B 136 11.36 -10.86 35.91
CA THR B 136 12.77 -11.14 35.71
C THR B 136 13.45 -10.14 34.79
N LEU B 137 12.70 -9.27 34.12
CA LEU B 137 13.27 -8.34 33.15
C LEU B 137 14.18 -7.36 33.88
N VAL B 138 15.48 -7.48 33.63
CA VAL B 138 16.48 -6.55 34.21
C VAL B 138 17.05 -5.71 33.08
N PRO B 139 16.65 -4.44 32.96
CA PRO B 139 17.27 -3.57 31.96
C PRO B 139 18.76 -3.43 32.20
N ARG B 140 19.47 -3.06 31.15
CA ARG B 140 20.90 -2.78 31.27
C ARG B 140 21.13 -1.28 31.44
N PRO B 141 22.18 -0.89 32.17
CA PRO B 141 22.48 0.54 32.39
C PRO B 141 23.18 1.19 31.20
N MET C 1 5.18 3.69 17.89
CA MET C 1 4.80 2.26 17.75
C MET C 1 3.43 2.12 17.09
N ASP C 2 3.38 1.30 16.04
CA ASP C 2 2.13 1.04 15.33
C ASP C 2 1.37 -0.04 16.08
N ALA C 3 0.37 0.36 16.86
CA ALA C 3 -0.49 -0.61 17.53
C ALA C 3 -1.16 -1.52 16.51
N GLN C 4 -1.56 -0.96 15.36
CA GLN C 4 -2.06 -1.75 14.24
C GLN C 4 -1.20 -2.97 13.99
N ALA C 5 0.12 -2.77 13.89
CA ALA C 5 1.03 -3.83 13.47
C ALA C 5 1.40 -4.75 14.62
N ALA C 6 1.71 -4.18 15.79
CA ALA C 6 2.01 -5.02 16.95
C ALA C 6 0.87 -5.98 17.23
N ALA C 7 -0.37 -5.51 17.09
CA ALA C 7 -1.52 -6.40 17.27
C ALA C 7 -1.58 -7.44 16.15
N ARG C 8 -1.42 -6.99 14.91
CA ARG C 8 -1.43 -7.93 13.79
C ARG C 8 -0.32 -8.97 13.96
N LEU C 9 0.90 -8.51 14.28
CA LEU C 9 2.03 -9.42 14.42
C LEU C 9 1.79 -10.41 15.54
N GLY C 10 1.47 -9.91 16.73
CA GLY C 10 1.23 -10.79 17.86
C GLY C 10 0.12 -11.79 17.60
N ASP C 11 -0.92 -11.35 16.88
CA ASP C 11 -1.99 -12.26 16.50
C ASP C 11 -1.48 -13.32 15.52
N GLU C 12 -0.79 -12.88 14.46
CA GLU C 12 -0.36 -13.82 13.43
C GLU C 12 0.56 -14.90 14.01
N ILE C 13 1.52 -14.50 14.85
CA ILE C 13 2.48 -15.48 15.36
C ILE C 13 1.80 -16.45 16.33
N ALA C 14 0.78 -15.99 17.05
CA ALA C 14 0.08 -16.90 17.96
C ALA C 14 -0.58 -18.04 17.19
N HIS C 15 -1.07 -17.76 15.99
CA HIS C 15 -1.79 -18.75 15.20
C HIS C 15 -0.89 -19.50 14.21
N GLY C 16 0.43 -19.45 14.41
CA GLY C 16 1.35 -20.22 13.60
C GLY C 16 1.66 -19.65 12.24
N PHE C 17 1.31 -18.38 11.99
CA PHE C 17 1.51 -17.76 10.70
C PHE C 17 2.70 -16.79 10.69
N GLY C 18 3.62 -16.93 11.64
CA GLY C 18 4.86 -16.18 11.57
C GLY C 18 5.77 -16.67 10.45
N VAL C 19 6.64 -15.77 10.00
CA VAL C 19 7.50 -16.10 8.86
C VAL C 19 8.36 -17.33 9.17
N ALA C 20 9.10 -17.27 10.27
CA ALA C 20 9.97 -18.38 10.64
C ALA C 20 9.21 -19.70 10.81
N ALA C 21 7.88 -19.65 10.91
CA ALA C 21 7.08 -20.85 11.11
C ALA C 21 6.63 -21.50 9.82
N MET C 22 6.51 -20.73 8.73
CA MET C 22 5.89 -21.23 7.51
C MET C 22 6.90 -21.54 6.40
N VAL C 23 8.11 -20.98 6.45
CA VAL C 23 9.09 -21.21 5.41
C VAL C 23 10.45 -21.52 6.02
N ALA C 24 11.31 -22.11 5.20
CA ALA C 24 12.62 -22.55 5.65
C ALA C 24 13.47 -21.37 6.10
N GLY C 25 14.53 -21.70 6.83
CA GLY C 25 15.44 -20.70 7.35
C GLY C 25 15.89 -19.70 6.31
N ALA C 26 16.56 -20.18 5.26
CA ALA C 26 17.12 -19.28 4.25
C ALA C 26 16.05 -18.36 3.67
N VAL C 27 14.84 -18.89 3.47
CA VAL C 27 13.79 -18.11 2.81
C VAL C 27 13.27 -17.03 3.75
N ALA C 28 12.99 -17.39 5.01
CA ALA C 28 12.49 -16.39 5.96
C ALA C 28 13.45 -15.22 6.09
N GLY C 29 14.75 -15.52 6.21
CA GLY C 29 15.73 -14.44 6.27
C GLY C 29 15.71 -13.59 5.02
N ALA C 30 15.56 -14.23 3.85
CA ALA C 30 15.55 -13.49 2.59
C ALA C 30 14.29 -12.63 2.48
N LEU C 31 13.14 -13.17 2.88
CA LEU C 31 11.90 -12.39 2.81
C LEU C 31 11.94 -11.20 3.78
N ILE C 32 12.43 -11.42 5.01
CA ILE C 32 12.57 -10.32 5.95
C ILE C 32 13.55 -9.28 5.41
N GLY C 33 14.61 -9.74 4.75
CA GLY C 33 15.61 -8.81 4.25
C GLY C 33 15.10 -7.91 3.15
N ALA C 34 14.21 -8.44 2.30
CA ALA C 34 13.63 -7.62 1.24
C ALA C 34 12.66 -6.60 1.81
N ALA C 35 11.84 -7.01 2.78
CA ALA C 35 10.82 -6.12 3.33
C ALA C 35 11.43 -4.85 3.91
N VAL C 36 12.60 -4.97 4.54
CA VAL C 36 13.18 -3.80 5.20
C VAL C 36 13.73 -2.82 4.17
N VAL C 37 14.27 -3.34 3.07
CA VAL C 37 14.82 -2.45 2.05
C VAL C 37 13.72 -1.80 1.22
N ALA C 38 12.54 -2.41 1.16
CA ALA C 38 11.41 -1.81 0.45
C ALA C 38 10.62 -0.88 1.38
N ALA C 41 9.61 4.07 3.89
CA ALA C 41 8.15 4.11 3.99
C ALA C 41 7.71 4.54 5.39
N ALA C 42 8.68 4.92 6.23
CA ALA C 42 8.44 5.29 7.62
C ALA C 42 8.03 4.11 8.48
N THR C 43 8.34 2.89 8.04
CA THR C 43 7.94 1.69 8.74
C THR C 43 9.04 1.25 9.70
N GLY C 44 8.76 0.19 10.47
CA GLY C 44 9.73 -0.34 11.41
C GLY C 44 9.95 -1.83 11.28
N GLY C 45 10.56 -2.42 12.30
CA GLY C 45 10.75 -3.87 12.31
C GLY C 45 9.44 -4.63 12.26
N LEU C 46 8.46 -4.20 13.05
CA LEU C 46 7.17 -4.89 13.07
C LEU C 46 6.56 -4.92 11.67
N ALA C 47 6.43 -3.76 11.03
CA ALA C 47 5.92 -3.72 9.67
C ALA C 47 6.70 -4.67 8.75
N ALA C 48 8.02 -4.70 8.89
CA ALA C 48 8.84 -5.53 8.01
C ALA C 48 8.51 -7.01 8.19
N VAL C 49 8.46 -7.48 9.43
CA VAL C 49 8.20 -8.89 9.69
C VAL C 49 6.82 -9.28 9.17
N ILE C 50 5.83 -8.39 9.30
CA ILE C 50 4.49 -8.66 8.79
C ILE C 50 4.55 -8.90 7.28
N LEU C 51 5.17 -7.97 6.55
CA LEU C 51 5.23 -8.10 5.10
C LEU C 51 5.97 -9.38 4.68
N ALA C 52 7.03 -9.74 5.40
CA ALA C 52 7.73 -10.98 5.13
C ALA C 52 6.79 -12.17 5.19
N GLY C 53 5.84 -12.14 6.13
CA GLY C 53 4.86 -13.22 6.23
C GLY C 53 3.80 -13.16 5.14
N SER C 54 3.36 -11.95 4.77
CA SER C 54 2.45 -11.84 3.64
C SER C 54 3.13 -12.32 2.37
N ILE C 55 4.40 -11.95 2.17
CA ILE C 55 5.16 -12.46 1.04
C ILE C 55 5.21 -13.99 1.09
N ALA C 56 5.64 -14.54 2.23
CA ALA C 56 5.77 -15.98 2.34
C ALA C 56 4.43 -16.67 2.07
N ALA C 57 3.33 -16.04 2.51
CA ALA C 57 2.02 -16.68 2.38
C ALA C 57 1.55 -16.70 0.92
N GLY C 58 1.85 -15.64 0.18
CA GLY C 58 1.50 -15.61 -1.23
C GLY C 58 2.52 -16.35 -2.07
N GLY C 59 2.57 -17.67 -1.91
CA GLY C 59 3.52 -18.49 -2.64
C GLY C 59 3.48 -19.95 -2.21
N THR D 2 -6.95 2.56 -22.90
CA THR D 2 -6.70 1.74 -24.09
C THR D 2 -7.79 0.67 -24.23
N LEU D 3 -8.69 0.88 -25.19
CA LEU D 3 -9.85 0.00 -25.32
C LEU D 3 -9.42 -1.43 -25.61
N TYR D 4 -9.97 -2.37 -24.85
CA TYR D 4 -9.67 -3.79 -24.99
C TYR D 4 -10.89 -4.54 -25.48
N ARG D 5 -10.73 -5.31 -26.55
CA ARG D 5 -11.82 -6.01 -27.20
C ARG D 5 -11.85 -7.47 -26.76
N LEU D 6 -13.05 -7.98 -26.46
CA LEU D 6 -13.26 -9.40 -26.24
C LEU D 6 -14.58 -9.82 -26.87
N HIS D 7 -14.82 -11.14 -26.84
CA HIS D 7 -15.97 -11.69 -27.57
C HIS D 7 -17.30 -11.21 -27.00
N GLU D 8 -17.33 -10.90 -25.70
CA GLU D 8 -18.57 -10.53 -25.04
C GLU D 8 -18.65 -9.05 -24.67
N ALA D 9 -17.55 -8.29 -24.74
CA ALA D 9 -17.56 -6.94 -24.22
C ALA D 9 -16.40 -6.13 -24.80
N ASP D 10 -16.44 -4.82 -24.53
CA ASP D 10 -15.34 -3.90 -24.77
C ASP D 10 -15.12 -3.10 -23.50
N LEU D 11 -13.86 -2.85 -23.13
CA LEU D 11 -13.60 -2.10 -21.92
C LEU D 11 -12.23 -1.43 -21.99
N GLU D 12 -12.11 -0.31 -21.27
CA GLU D 12 -10.84 0.41 -21.18
C GLU D 12 -9.92 -0.28 -20.19
N ILE D 13 -8.67 -0.49 -20.58
CA ILE D 13 -7.65 -1.09 -19.73
C ILE D 13 -6.52 -0.08 -19.57
N PRO D 14 -6.08 0.22 -18.36
CA PRO D 14 -4.99 1.19 -18.18
C PRO D 14 -3.70 0.79 -18.89
N ASP D 15 -2.85 1.82 -19.08
CA ASP D 15 -1.51 1.61 -19.64
C ASP D 15 -0.77 0.50 -18.90
N ALA D 16 -0.71 0.60 -17.58
CA ALA D 16 0.25 -0.15 -16.76
C ALA D 16 -0.19 -1.56 -16.43
N TRP D 17 -1.34 -2.01 -16.95
CA TRP D 17 -1.82 -3.35 -16.66
C TRP D 17 -1.19 -4.37 -17.61
N GLN D 18 -0.61 -5.42 -17.03
CA GLN D 18 0.13 -6.42 -17.80
C GLN D 18 -0.83 -7.47 -18.35
N ASP D 19 -0.93 -7.55 -19.67
CA ASP D 19 -1.81 -8.52 -20.31
C ASP D 19 -1.19 -9.91 -20.29
N GLN D 20 -1.93 -10.88 -19.75
CA GLN D 20 -1.53 -12.27 -19.76
C GLN D 20 -2.71 -13.16 -20.15
N SER D 21 -3.58 -12.65 -21.02
CA SER D 21 -4.82 -13.36 -21.33
C SER D 21 -4.53 -14.61 -22.15
N ILE D 22 -5.43 -15.59 -22.00
CA ILE D 22 -5.35 -16.87 -22.69
C ILE D 22 -6.76 -17.31 -23.05
N ASN D 23 -7.02 -17.51 -24.34
CA ASN D 23 -8.28 -18.09 -24.79
C ASN D 23 -8.16 -19.61 -24.83
N ILE D 24 -9.21 -20.28 -24.40
CA ILE D 24 -9.20 -21.73 -24.23
C ILE D 24 -10.45 -22.32 -24.86
N PHE D 25 -10.28 -23.40 -25.63
CA PHE D 25 -11.41 -24.13 -26.22
C PHE D 25 -11.15 -25.61 -26.07
N LYS D 26 -12.14 -26.35 -25.60
CA LYS D 26 -12.08 -27.80 -25.50
C LYS D 26 -12.75 -28.40 -26.73
N LEU D 27 -11.96 -29.08 -27.55
CA LEU D 27 -12.51 -29.83 -28.68
C LEU D 27 -13.11 -31.13 -28.16
N PRO D 28 -14.40 -31.38 -28.35
CA PRO D 28 -15.01 -32.54 -27.70
C PRO D 28 -14.58 -33.85 -28.35
N ALA D 29 -14.53 -34.89 -27.53
CA ALA D 29 -14.33 -36.24 -28.04
C ALA D 29 -15.51 -36.62 -28.92
N SER D 30 -15.24 -37.39 -29.97
CA SER D 30 -16.31 -37.80 -30.88
C SER D 30 -15.92 -39.12 -31.52
N GLY D 31 -16.69 -40.17 -31.25
CA GLY D 31 -16.38 -41.48 -31.75
C GLY D 31 -15.13 -42.03 -31.11
N PRO D 32 -14.13 -42.40 -31.93
CA PRO D 32 -12.92 -43.02 -31.37
C PRO D 32 -11.93 -42.02 -30.80
N ALA D 33 -12.07 -40.74 -31.12
CA ALA D 33 -11.09 -39.74 -30.73
C ALA D 33 -11.47 -39.10 -29.40
N ARG D 34 -10.44 -38.81 -28.59
CA ARG D 34 -10.65 -38.16 -27.31
C ARG D 34 -10.61 -36.64 -27.48
N GLU D 35 -10.86 -35.93 -26.39
CA GLU D 35 -10.92 -34.48 -26.41
C GLU D 35 -9.53 -33.89 -26.68
N ALA D 36 -9.52 -32.75 -27.37
CA ALA D 36 -8.32 -31.97 -27.63
C ALA D 36 -8.59 -30.53 -27.19
N SER D 37 -7.52 -29.73 -27.17
CA SER D 37 -7.62 -28.35 -26.71
C SER D 37 -7.02 -27.40 -27.73
N PHE D 38 -7.60 -26.21 -27.79
CA PHE D 38 -7.13 -25.13 -28.66
C PHE D 38 -6.93 -23.90 -27.79
N VAL D 39 -5.70 -23.37 -27.77
CA VAL D 39 -5.33 -22.30 -26.86
C VAL D 39 -4.64 -21.19 -27.63
N ILE D 40 -5.06 -19.95 -27.39
CA ILE D 40 -4.42 -18.76 -27.95
C ILE D 40 -3.79 -18.01 -26.80
N SER D 41 -2.46 -17.94 -26.80
CA SER D 41 -1.69 -17.24 -25.78
C SER D 41 -0.89 -16.14 -26.45
N ARG D 42 -0.36 -15.23 -25.63
CA ARG D 42 0.44 -14.12 -26.12
C ARG D 42 1.86 -14.24 -25.58
N ASP D 43 2.80 -13.69 -26.35
CA ASP D 43 4.21 -13.69 -25.97
C ASP D 43 4.80 -12.35 -26.37
N ALA D 44 5.07 -11.50 -25.39
CA ALA D 44 5.66 -10.19 -25.63
C ALA D 44 7.17 -10.21 -25.54
N SER D 45 7.77 -11.39 -25.59
CA SER D 45 9.20 -11.55 -25.36
C SER D 45 10.03 -11.49 -26.64
N GLN D 46 9.41 -11.41 -27.81
CA GLN D 46 10.18 -11.37 -29.05
C GLN D 46 11.20 -10.24 -29.01
N GLY D 47 10.77 -9.05 -28.59
CA GLY D 47 11.67 -7.93 -28.55
C GLY D 47 12.28 -7.65 -29.90
N ASP D 48 13.58 -7.85 -30.04
CA ASP D 48 14.29 -7.44 -31.24
C ASP D 48 14.58 -8.58 -32.22
N ALA D 49 14.78 -9.80 -31.73
CA ALA D 49 15.25 -10.87 -32.60
C ALA D 49 14.40 -10.92 -33.88
N PRO D 50 15.02 -11.09 -35.05
CA PRO D 50 14.23 -11.37 -36.25
C PRO D 50 13.35 -12.58 -36.01
N PHE D 51 12.16 -12.58 -36.61
CA PHE D 51 11.18 -13.60 -36.30
C PHE D 51 11.78 -15.00 -36.39
N ALA D 52 12.72 -15.20 -37.30
CA ALA D 52 13.39 -16.50 -37.40
C ALA D 52 14.17 -16.82 -36.13
N ASP D 53 14.80 -15.81 -35.54
CA ASP D 53 15.61 -16.05 -34.34
C ASP D 53 14.74 -16.21 -33.10
N TYR D 54 13.65 -15.45 -33.01
CA TYR D 54 12.68 -15.69 -31.93
C TYR D 54 12.14 -17.11 -32.03
N VAL D 55 11.61 -17.47 -33.20
CA VAL D 55 11.09 -18.82 -33.41
C VAL D 55 12.12 -19.87 -33.00
N ALA D 56 13.38 -19.67 -33.43
CA ALA D 56 14.44 -20.58 -33.03
C ALA D 56 14.53 -20.68 -31.52
N ARG D 57 14.56 -19.53 -30.83
CA ARG D 57 14.61 -19.55 -29.38
C ARG D 57 13.43 -20.32 -28.78
N GLN D 58 12.25 -20.19 -29.40
CA GLN D 58 11.10 -20.95 -28.91
C GLN D 58 11.32 -22.45 -29.03
N LEU D 59 12.08 -22.89 -30.04
CA LEU D 59 12.30 -24.31 -30.26
C LEU D 59 13.30 -24.87 -29.24
N GLU D 60 14.32 -24.10 -28.88
CA GLU D 60 15.26 -24.57 -27.85
C GLU D 60 14.57 -24.65 -26.49
N ASN D 61 13.67 -23.71 -26.19
CA ASN D 61 12.95 -23.77 -24.93
C ASN D 61 12.00 -24.96 -24.88
N ALA D 62 11.41 -25.34 -26.01
CA ALA D 62 10.47 -26.45 -26.00
C ALA D 62 11.19 -27.78 -25.79
N GLU D 63 12.35 -27.95 -26.43
CA GLU D 63 13.15 -29.14 -26.16
C GLU D 63 13.61 -29.18 -24.71
N LYS D 64 13.99 -28.01 -24.18
CA LYS D 64 14.67 -27.95 -22.89
C LYS D 64 13.73 -28.25 -21.72
N GLN D 65 12.44 -27.93 -21.85
CA GLN D 65 11.52 -28.04 -20.74
C GLN D 65 10.36 -28.98 -20.98
N LEU D 66 10.10 -29.41 -22.22
CA LEU D 66 9.02 -30.35 -22.49
C LEU D 66 9.60 -31.77 -22.50
N PRO D 67 9.33 -32.59 -21.49
CA PRO D 67 9.83 -33.97 -21.52
C PRO D 67 9.37 -34.70 -22.78
N GLY D 68 10.32 -35.33 -23.46
CA GLY D 68 10.00 -36.10 -24.64
C GLY D 68 9.72 -35.29 -25.89
N PHE D 69 10.22 -34.07 -25.97
CA PHE D 69 10.03 -33.25 -27.16
C PHE D 69 10.58 -33.98 -28.38
N LYS D 70 9.78 -34.01 -29.45
CA LYS D 70 10.22 -34.61 -30.71
C LYS D 70 9.55 -33.83 -31.85
N LEU D 71 10.34 -32.98 -32.50
CA LEU D 71 9.85 -32.20 -33.62
C LEU D 71 9.51 -33.09 -34.80
N HIS D 72 8.37 -32.81 -35.44
CA HIS D 72 7.99 -33.48 -36.67
C HIS D 72 8.19 -32.62 -37.90
N LYS D 73 7.71 -31.36 -37.87
CA LYS D 73 7.70 -30.54 -39.06
C LYS D 73 7.73 -29.07 -38.67
N ARG D 74 8.28 -28.26 -39.58
CA ARG D 74 8.33 -26.80 -39.42
C ARG D 74 8.02 -26.17 -40.77
N TRP D 75 6.98 -25.33 -40.81
CA TRP D 75 6.66 -24.51 -41.96
C TRP D 75 6.88 -23.04 -41.61
N ASP D 76 7.56 -22.30 -42.47
CA ASP D 76 7.61 -20.84 -42.38
C ASP D 76 6.66 -20.30 -43.45
N ILE D 77 5.56 -19.69 -43.00
CA ILE D 77 4.51 -19.23 -43.89
C ILE D 77 4.22 -17.76 -43.59
N ASN D 78 3.23 -17.22 -44.29
CA ASN D 78 2.76 -15.84 -44.07
C ASN D 78 1.26 -15.87 -43.88
N ILE D 79 0.78 -15.21 -42.82
CA ILE D 79 -0.64 -15.04 -42.56
C ILE D 79 -0.95 -13.56 -42.68
N HIS D 80 -1.71 -13.18 -43.71
CA HIS D 80 -2.12 -11.80 -43.95
C HIS D 80 -0.98 -10.81 -43.71
N GLY D 81 0.18 -11.11 -44.30
CA GLY D 81 1.32 -10.23 -44.24
C GLY D 81 2.15 -10.33 -42.99
N HIS D 82 1.70 -11.08 -41.98
CA HIS D 82 2.48 -11.32 -40.77
C HIS D 82 3.29 -12.60 -40.94
N ALA D 83 4.57 -12.53 -40.58
CA ALA D 83 5.43 -13.71 -40.63
C ALA D 83 4.97 -14.74 -39.60
N ALA D 84 4.90 -16.01 -40.02
CA ALA D 84 4.39 -17.06 -39.15
C ALA D 84 5.19 -18.33 -39.31
N VAL D 85 5.28 -19.08 -38.21
CA VAL D 85 5.89 -20.40 -38.19
C VAL D 85 4.88 -21.40 -37.63
N LEU D 86 4.78 -22.56 -38.26
CA LEU D 86 3.97 -23.67 -37.77
C LEU D 86 4.90 -24.79 -37.34
N LEU D 87 4.71 -25.28 -36.13
CA LEU D 87 5.48 -26.38 -35.58
C LEU D 87 4.59 -27.60 -35.39
N ASP D 88 5.10 -28.77 -35.79
CA ASP D 88 4.50 -30.06 -35.44
C ASP D 88 5.50 -30.79 -34.53
N TYR D 89 5.13 -30.99 -33.27
CA TYR D 89 6.02 -31.67 -32.35
C TYR D 89 5.18 -32.34 -31.26
N GLN D 90 5.76 -33.38 -30.66
CA GLN D 90 5.08 -34.13 -29.61
C GLN D 90 5.99 -34.18 -28.38
N TRP D 91 5.37 -34.19 -27.21
CA TRP D 91 6.09 -34.25 -25.95
C TRP D 91 5.33 -35.17 -25.00
N GLN D 92 5.92 -35.42 -23.83
CA GLN D 92 5.35 -36.35 -22.86
C GLN D 92 4.98 -35.64 -21.58
N ARG D 93 3.79 -35.92 -21.06
CA ARG D 93 3.38 -35.51 -19.72
C ARG D 93 2.65 -36.71 -19.10
N GLU D 94 3.28 -37.33 -18.11
CA GLU D 94 2.67 -38.43 -17.36
C GLU D 94 2.24 -39.58 -18.29
N GLY D 95 3.20 -40.08 -19.06
CA GLY D 95 3.00 -41.29 -19.82
C GLY D 95 1.97 -41.21 -20.93
N ARG D 96 1.41 -40.04 -21.20
CA ARG D 96 0.48 -39.85 -22.31
C ARG D 96 1.18 -39.05 -23.39
N ASP D 97 1.01 -39.46 -24.65
CA ASP D 97 1.68 -38.83 -25.77
C ASP D 97 0.80 -37.70 -26.30
N LEU D 98 1.33 -36.48 -26.26
CA LEU D 98 0.62 -35.29 -26.70
C LEU D 98 1.23 -34.80 -28.01
N MET D 99 0.41 -34.71 -29.05
CA MET D 99 0.85 -34.22 -30.35
C MET D 99 0.39 -32.78 -30.52
N LEU D 100 1.35 -31.87 -30.68
CA LEU D 100 1.05 -30.44 -30.72
C LEU D 100 1.21 -29.89 -32.13
N ARG D 101 0.25 -29.04 -32.52
CA ARG D 101 0.32 -28.22 -33.72
C ARG D 101 0.24 -26.77 -33.25
N GLN D 102 1.35 -26.03 -33.37
CA GLN D 102 1.49 -24.71 -32.78
C GLN D 102 1.85 -23.71 -33.87
N VAL D 103 1.20 -22.55 -33.82
CA VAL D 103 1.41 -21.48 -34.80
C VAL D 103 1.87 -20.23 -34.06
N PHE D 104 2.97 -19.65 -34.51
CA PHE D 104 3.50 -18.39 -33.99
C PHE D 104 3.30 -17.31 -35.04
N ILE D 105 2.62 -16.22 -34.66
CA ILE D 105 2.32 -15.12 -35.58
C ILE D 105 3.06 -13.88 -35.11
N GLU D 106 3.94 -13.35 -35.96
CA GLU D 106 4.65 -12.13 -35.63
C GLU D 106 3.69 -10.95 -35.55
N ARG D 107 3.81 -10.17 -34.48
CA ARG D 107 2.91 -9.04 -34.26
C ARG D 107 3.49 -8.21 -33.13
N ARG D 108 3.12 -6.93 -33.13
CA ARG D 108 3.41 -6.06 -32.01
C ARG D 108 2.11 -5.70 -31.31
N PRO D 109 2.11 -5.58 -29.98
CA PRO D 109 3.29 -5.67 -29.10
C PRO D 109 3.69 -7.08 -28.70
N ALA D 110 2.95 -8.11 -29.13
CA ALA D 110 3.23 -9.47 -28.68
C ALA D 110 2.95 -10.47 -29.78
N VAL D 111 3.78 -11.51 -29.84
CA VAL D 111 3.57 -12.61 -30.77
C VAL D 111 2.29 -13.35 -30.40
N LEU D 112 1.42 -13.58 -31.37
CA LEU D 112 0.26 -14.44 -31.17
C LEU D 112 0.66 -15.90 -31.33
N ILE D 113 0.30 -16.73 -30.36
CA ILE D 113 0.60 -18.15 -30.39
C ILE D 113 -0.70 -18.93 -30.32
N THR D 114 -0.91 -19.82 -31.29
CA THR D 114 -2.02 -20.75 -31.29
C THR D 114 -1.47 -22.15 -31.09
N THR D 115 -2.07 -22.90 -30.16
CA THR D 115 -1.61 -24.24 -29.85
C THR D 115 -2.77 -25.22 -29.85
N LEU D 116 -2.64 -26.29 -30.62
CA LEU D 116 -3.57 -27.41 -30.61
C LEU D 116 -2.88 -28.59 -29.95
N THR D 117 -3.50 -29.16 -28.93
CA THR D 117 -2.96 -30.31 -28.21
C THR D 117 -3.93 -31.47 -28.35
N THR D 118 -3.41 -32.60 -28.83
CA THR D 118 -4.21 -33.83 -28.97
C THR D 118 -3.25 -35.01 -28.81
N THR D 119 -3.62 -36.16 -29.35
CA THR D 119 -2.75 -37.32 -29.40
C THR D 119 -2.51 -37.71 -30.85
N PRO D 120 -1.46 -38.49 -31.15
CA PRO D 120 -1.24 -38.90 -32.54
C PRO D 120 -2.41 -39.68 -33.14
N ALA D 121 -3.03 -40.54 -32.33
CA ALA D 121 -4.16 -41.32 -32.83
C ALA D 121 -5.33 -40.43 -33.24
N ASP D 122 -5.63 -39.41 -32.44
CA ASP D 122 -6.83 -38.60 -32.63
C ASP D 122 -6.60 -37.37 -33.50
N LEU D 123 -5.36 -37.09 -33.89
CA LEU D 123 -5.09 -35.88 -34.67
C LEU D 123 -5.85 -35.84 -35.99
N PRO D 124 -5.96 -36.93 -36.76
CA PRO D 124 -6.74 -36.86 -38.01
C PRO D 124 -8.17 -36.42 -37.78
N HIS D 125 -8.74 -36.72 -36.62
CA HIS D 125 -10.14 -36.38 -36.36
C HIS D 125 -10.31 -34.89 -36.13
N HIS D 126 -9.38 -34.27 -35.42
CA HIS D 126 -9.48 -32.85 -35.09
C HIS D 126 -8.87 -31.93 -36.14
N GLU D 127 -8.07 -32.46 -37.07
CA GLU D 127 -7.38 -31.59 -38.02
C GLU D 127 -8.34 -30.74 -38.84
N PRO D 128 -9.42 -31.28 -39.43
CA PRO D 128 -10.34 -30.41 -40.19
C PRO D 128 -10.80 -29.19 -39.42
N ALA D 129 -11.27 -29.38 -38.18
CA ALA D 129 -11.72 -28.24 -37.38
C ALA D 129 -10.57 -27.26 -37.13
N TRP D 130 -9.38 -27.77 -36.83
CA TRP D 130 -8.25 -26.89 -36.59
C TRP D 130 -7.90 -26.09 -37.84
N LYS D 131 -7.82 -26.77 -38.99
CA LYS D 131 -7.51 -26.07 -40.23
C LYS D 131 -8.58 -25.05 -40.56
N GLN D 132 -9.85 -25.41 -40.38
CA GLN D 132 -10.93 -24.46 -40.62
C GLN D 132 -10.75 -23.21 -39.78
N ALA D 133 -10.48 -23.38 -38.48
CA ALA D 133 -10.34 -22.24 -37.59
C ALA D 133 -9.15 -21.37 -38.00
N MET D 134 -7.99 -21.99 -38.19
CA MET D 134 -6.77 -21.22 -38.42
C MET D 134 -6.81 -20.45 -39.74
N GLN D 135 -7.50 -20.96 -40.76
CA GLN D 135 -7.54 -20.28 -42.04
C GLN D 135 -8.43 -19.04 -42.02
N THR D 136 -9.28 -18.91 -41.00
CA THR D 136 -10.11 -17.71 -40.85
C THR D 136 -9.46 -16.69 -39.93
N LEU D 137 -8.38 -17.05 -39.23
CA LEU D 137 -7.73 -16.13 -38.30
C LEU D 137 -7.18 -14.92 -39.04
N VAL D 138 -7.87 -13.79 -38.91
CA VAL D 138 -7.47 -12.53 -39.51
C VAL D 138 -7.00 -11.60 -38.40
N PRO D 139 -5.71 -11.31 -38.27
CA PRO D 139 -5.26 -10.39 -37.21
C PRO D 139 -5.83 -9.00 -37.43
N ARG D 140 -6.18 -8.36 -36.32
CA ARG D 140 -6.57 -6.96 -36.36
C ARG D 140 -5.37 -6.11 -36.75
N PRO D 141 -5.56 -5.10 -37.62
CA PRO D 141 -4.38 -4.29 -37.99
C PRO D 141 -3.92 -3.40 -36.84
N THR E 2 -19.28 -19.38 -36.80
CA THR E 2 -19.33 -18.60 -35.57
C THR E 2 -18.01 -17.89 -35.33
N LEU E 3 -17.97 -16.60 -35.64
CA LEU E 3 -16.75 -15.82 -35.49
C LEU E 3 -16.50 -15.50 -34.02
N TYR E 4 -15.25 -15.63 -33.60
CA TYR E 4 -14.83 -15.30 -32.24
C TYR E 4 -13.97 -14.04 -32.30
N ARG E 5 -14.22 -13.11 -31.40
CA ARG E 5 -13.54 -11.83 -31.37
C ARG E 5 -12.55 -11.79 -30.22
N LEU E 6 -11.30 -11.50 -30.53
CA LEU E 6 -10.26 -11.27 -29.53
C LEU E 6 -9.53 -9.98 -29.90
N HIS E 7 -8.71 -9.50 -28.96
CA HIS E 7 -8.16 -8.15 -29.09
C HIS E 7 -7.29 -8.04 -30.33
N GLU E 8 -6.52 -9.08 -30.64
CA GLU E 8 -5.50 -9.03 -31.67
C GLU E 8 -5.94 -9.63 -33.00
N ALA E 9 -7.16 -10.15 -33.10
CA ALA E 9 -7.55 -10.89 -34.30
C ALA E 9 -8.99 -11.35 -34.20
N ASP E 10 -9.52 -11.80 -35.34
CA ASP E 10 -10.80 -12.49 -35.41
C ASP E 10 -10.59 -13.83 -36.08
N LEU E 11 -11.25 -14.87 -35.56
CA LEU E 11 -11.18 -16.19 -36.15
C LEU E 11 -12.53 -16.88 -35.98
N GLU E 12 -12.71 -17.99 -36.69
CA GLU E 12 -13.96 -18.73 -36.67
C GLU E 12 -13.80 -19.96 -35.79
N ILE E 13 -14.65 -20.08 -34.78
CA ILE E 13 -14.58 -21.16 -33.80
C ILE E 13 -15.82 -22.03 -33.96
N PRO E 14 -15.67 -23.32 -34.27
CA PRO E 14 -16.83 -24.22 -34.25
C PRO E 14 -17.53 -24.17 -32.90
N ASP E 15 -18.87 -24.18 -32.92
CA ASP E 15 -19.63 -24.13 -31.68
C ASP E 15 -19.71 -25.47 -30.98
N ALA E 16 -19.17 -26.54 -31.58
CA ALA E 16 -18.90 -27.75 -30.81
C ALA E 16 -17.84 -27.50 -29.75
N TRP E 17 -17.08 -26.42 -29.87
CA TRP E 17 -15.99 -26.10 -28.95
C TRP E 17 -16.54 -25.32 -27.76
N GLN E 18 -16.09 -25.69 -26.57
CA GLN E 18 -16.54 -25.03 -25.35
C GLN E 18 -15.53 -23.97 -24.95
N ASP E 19 -15.98 -22.72 -24.88
CA ASP E 19 -15.10 -21.61 -24.54
C ASP E 19 -14.82 -21.61 -23.05
N GLN E 20 -13.53 -21.52 -22.70
CA GLN E 20 -13.09 -21.42 -21.31
C GLN E 20 -12.02 -20.33 -21.19
N SER E 21 -12.14 -19.28 -22.00
CA SER E 21 -11.13 -18.24 -22.00
C SER E 21 -11.08 -17.52 -20.66
N ILE E 22 -9.90 -17.02 -20.32
CA ILE E 22 -9.69 -16.22 -19.10
C ILE E 22 -8.81 -15.04 -19.46
N ASN E 23 -9.38 -13.84 -19.43
CA ASN E 23 -8.57 -12.63 -19.60
C ASN E 23 -7.88 -12.31 -18.29
N ILE E 24 -6.62 -11.92 -18.38
CA ILE E 24 -5.76 -11.74 -17.21
C ILE E 24 -5.04 -10.41 -17.32
N PHE E 25 -5.06 -9.64 -16.23
CA PHE E 25 -4.29 -8.41 -16.15
C PHE E 25 -3.65 -8.31 -14.78
N LYS E 26 -2.35 -8.03 -14.75
CA LYS E 26 -1.62 -7.82 -13.51
C LYS E 26 -1.52 -6.32 -13.25
N LEU E 27 -2.07 -5.88 -12.13
CA LEU E 27 -1.98 -4.49 -11.74
C LEU E 27 -0.64 -4.23 -11.06
N PRO E 28 0.15 -3.28 -11.53
CA PRO E 28 1.43 -3.00 -10.88
C PRO E 28 1.21 -2.38 -9.52
N ALA E 29 2.29 -2.37 -8.73
CA ALA E 29 2.25 -1.72 -7.42
C ALA E 29 1.90 -0.25 -7.58
N SER E 30 1.10 0.26 -6.64
CA SER E 30 0.57 1.62 -6.70
C SER E 30 0.60 2.22 -5.30
N GLY E 31 1.45 3.22 -5.10
CA GLY E 31 1.59 3.84 -3.80
C GLY E 31 2.10 2.85 -2.77
N PRO E 32 1.37 2.72 -1.66
CA PRO E 32 1.77 1.76 -0.62
C PRO E 32 1.36 0.33 -0.89
N ALA E 33 0.63 0.08 -1.99
CA ALA E 33 0.02 -1.21 -2.23
C ALA E 33 0.91 -2.09 -3.12
N ARG E 34 0.78 -3.40 -2.92
CA ARG E 34 1.49 -4.37 -3.73
C ARG E 34 0.70 -4.62 -5.02
N GLU E 35 1.24 -5.49 -5.87
CA GLU E 35 0.58 -5.79 -7.14
C GLU E 35 -0.75 -6.50 -6.89
N ALA E 36 -1.65 -6.36 -7.88
CA ALA E 36 -2.97 -6.98 -7.82
C ALA E 36 -3.28 -7.58 -9.19
N SER E 37 -4.44 -8.24 -9.30
CA SER E 37 -4.82 -8.92 -10.53
C SER E 37 -6.27 -8.58 -10.88
N PHE E 38 -6.54 -8.49 -12.19
CA PHE E 38 -7.88 -8.33 -12.71
C PHE E 38 -8.12 -9.41 -13.76
N VAL E 39 -9.17 -10.19 -13.56
CA VAL E 39 -9.43 -11.36 -14.39
C VAL E 39 -10.87 -11.33 -14.87
N ILE E 40 -11.07 -11.71 -16.13
CA ILE E 40 -12.40 -11.89 -16.70
C ILE E 40 -12.55 -13.37 -17.03
N SER E 41 -13.55 -14.01 -16.44
CA SER E 41 -13.82 -15.43 -16.63
C SER E 41 -15.29 -15.60 -17.01
N ARG E 42 -15.60 -16.77 -17.56
CA ARG E 42 -16.96 -17.10 -17.96
C ARG E 42 -17.49 -18.29 -17.19
N ASP E 43 -18.81 -18.32 -17.00
CA ASP E 43 -19.49 -19.40 -16.30
C ASP E 43 -20.81 -19.66 -17.01
N ALA E 44 -20.90 -20.81 -17.69
CA ALA E 44 -22.13 -21.23 -18.33
C ALA E 44 -22.95 -22.18 -17.46
N SER E 45 -22.70 -22.17 -16.15
CA SER E 45 -23.35 -23.09 -15.23
C SER E 45 -24.68 -22.59 -14.71
N GLN E 46 -25.14 -21.42 -15.17
CA GLN E 46 -26.40 -20.89 -14.68
C GLN E 46 -27.54 -21.86 -14.93
N GLY E 47 -27.55 -22.50 -16.08
CA GLY E 47 -28.58 -23.48 -16.37
C GLY E 47 -29.96 -22.85 -16.36
N ASP E 48 -30.85 -23.40 -15.54
CA ASP E 48 -32.23 -22.95 -15.48
C ASP E 48 -32.53 -22.07 -14.26
N ALA E 49 -31.60 -21.93 -13.33
CA ALA E 49 -31.83 -21.09 -12.17
C ALA E 49 -32.03 -19.64 -12.63
N PRO E 50 -32.88 -18.87 -11.95
CA PRO E 50 -32.89 -17.43 -12.19
C PRO E 50 -31.57 -16.82 -11.78
N PHE E 51 -31.24 -15.68 -12.40
CA PHE E 51 -29.97 -15.03 -12.10
C PHE E 51 -29.78 -14.84 -10.60
N ALA E 52 -30.84 -14.38 -9.92
CA ALA E 52 -30.75 -14.17 -8.47
C ALA E 52 -30.32 -15.44 -7.75
N ASP E 53 -30.87 -16.59 -8.13
CA ASP E 53 -30.51 -17.83 -7.46
C ASP E 53 -29.09 -18.27 -7.83
N TYR E 54 -28.66 -17.99 -9.06
CA TYR E 54 -27.31 -18.35 -9.46
C TYR E 54 -26.27 -17.61 -8.63
N VAL E 55 -26.42 -16.29 -8.49
CA VAL E 55 -25.48 -15.51 -7.70
C VAL E 55 -25.51 -15.96 -6.24
N ALA E 56 -26.70 -16.26 -5.72
CA ALA E 56 -26.79 -16.75 -4.35
C ALA E 56 -26.03 -18.06 -4.19
N ARG E 57 -26.16 -18.97 -5.16
CA ARG E 57 -25.42 -20.22 -5.12
C ARG E 57 -23.92 -19.97 -5.14
N GLN E 58 -23.48 -18.94 -5.84
CA GLN E 58 -22.06 -18.60 -5.85
C GLN E 58 -21.62 -18.06 -4.48
N LEU E 59 -22.47 -17.28 -3.84
CA LEU E 59 -22.10 -16.71 -2.54
C LEU E 59 -22.05 -17.79 -1.46
N GLU E 60 -23.02 -18.70 -1.45
CA GLU E 60 -22.97 -19.80 -0.49
C GLU E 60 -21.83 -20.76 -0.83
N ASN E 61 -21.52 -20.91 -2.12
CA ASN E 61 -20.35 -21.68 -2.51
C ASN E 61 -19.06 -21.02 -2.05
N ALA E 62 -19.02 -19.69 -2.09
CA ALA E 62 -17.82 -18.98 -1.63
C ALA E 62 -17.66 -19.10 -0.12
N GLU E 63 -18.76 -19.14 0.63
CA GLU E 63 -18.67 -19.31 2.07
C GLU E 63 -18.39 -20.76 2.45
N LYS E 64 -18.73 -21.69 1.58
CA LYS E 64 -18.27 -23.06 1.69
C LYS E 64 -16.74 -23.14 1.69
N GLN E 65 -16.18 -22.77 0.53
CA GLN E 65 -14.89 -23.23 0.07
C GLN E 65 -13.74 -22.35 0.51
N LEU E 66 -14.03 -21.16 1.01
CA LEU E 66 -12.99 -20.19 1.33
C LEU E 66 -12.94 -20.00 2.85
N PRO E 67 -11.87 -20.43 3.51
CA PRO E 67 -11.79 -20.26 4.97
C PRO E 67 -11.89 -18.80 5.36
N GLY E 68 -12.62 -18.54 6.43
CA GLY E 68 -12.74 -17.19 6.97
C GLY E 68 -13.50 -16.23 6.08
N PHE E 69 -14.54 -16.71 5.40
CA PHE E 69 -15.31 -15.87 4.50
C PHE E 69 -16.11 -14.85 5.28
N LYS E 70 -16.03 -13.58 4.87
CA LYS E 70 -16.87 -12.52 5.41
C LYS E 70 -17.29 -11.59 4.27
N LEU E 71 -18.59 -11.50 4.03
CA LEU E 71 -19.10 -10.58 3.02
C LEU E 71 -18.98 -9.15 3.51
N HIS E 72 -18.67 -8.25 2.59
CA HIS E 72 -18.70 -6.82 2.85
C HIS E 72 -19.83 -6.10 2.12
N LYS E 73 -20.14 -6.54 0.90
CA LYS E 73 -20.99 -5.76 0.02
C LYS E 73 -21.64 -6.65 -1.02
N ARG E 74 -22.92 -6.39 -1.29
CA ARG E 74 -23.62 -6.98 -2.42
C ARG E 74 -24.44 -5.87 -3.06
N TRP E 75 -24.25 -5.67 -4.36
CA TRP E 75 -24.99 -4.67 -5.12
C TRP E 75 -25.72 -5.38 -6.25
N ASP E 76 -27.03 -5.22 -6.32
CA ASP E 76 -27.81 -5.61 -7.48
C ASP E 76 -27.89 -4.38 -8.39
N ILE E 77 -27.18 -4.40 -9.51
CA ILE E 77 -27.11 -3.24 -10.40
C ILE E 77 -27.42 -3.67 -11.83
N ASN E 78 -27.18 -2.77 -12.78
CA ASN E 78 -27.43 -3.00 -14.19
C ASN E 78 -26.28 -2.45 -15.01
N ILE E 79 -25.74 -3.26 -15.91
CA ILE E 79 -24.70 -2.84 -16.84
C ILE E 79 -25.34 -2.81 -18.22
N HIS E 80 -25.59 -1.61 -18.73
CA HIS E 80 -26.13 -1.40 -20.08
C HIS E 80 -27.23 -2.41 -20.40
N GLY E 81 -28.18 -2.54 -19.47
CA GLY E 81 -29.32 -3.39 -19.66
C GLY E 81 -29.14 -4.82 -19.20
N HIS E 82 -27.98 -5.17 -18.66
CA HIS E 82 -27.74 -6.51 -18.14
C HIS E 82 -27.82 -6.51 -16.62
N ALA E 83 -28.49 -7.51 -16.06
CA ALA E 83 -28.52 -7.68 -14.62
C ALA E 83 -27.13 -8.07 -14.14
N ALA E 84 -26.65 -7.40 -13.09
CA ALA E 84 -25.30 -7.62 -12.58
C ALA E 84 -25.31 -7.54 -11.06
N VAL E 85 -24.44 -8.35 -10.44
CA VAL E 85 -24.23 -8.32 -9.00
C VAL E 85 -22.75 -8.09 -8.74
N LEU E 86 -22.45 -7.15 -7.84
CA LEU E 86 -21.09 -6.87 -7.42
C LEU E 86 -20.92 -7.36 -5.99
N LEU E 87 -19.87 -8.14 -5.75
CA LEU E 87 -19.57 -8.67 -4.44
C LEU E 87 -18.23 -8.13 -3.97
N ASP E 88 -18.22 -7.59 -2.75
CA ASP E 88 -17.00 -7.33 -2.00
C ASP E 88 -17.01 -8.31 -0.83
N TYR E 89 -16.12 -9.30 -0.86
CA TYR E 89 -16.00 -10.23 0.25
C TYR E 89 -14.54 -10.56 0.47
N GLN E 90 -14.30 -11.40 1.48
CA GLN E 90 -13.05 -11.44 2.21
C GLN E 90 -12.83 -12.85 2.73
N TRP E 91 -11.60 -13.34 2.59
CA TRP E 91 -11.26 -14.65 3.13
C TRP E 91 -9.80 -14.67 3.59
N GLN E 92 -9.49 -15.68 4.39
CA GLN E 92 -8.18 -15.83 5.02
C GLN E 92 -7.42 -16.93 4.30
N ARG E 93 -6.26 -16.58 3.74
CA ARG E 93 -5.40 -17.49 3.01
C ARG E 93 -4.05 -17.53 3.71
N GLU E 94 -3.68 -18.69 4.25
CA GLU E 94 -2.41 -18.85 4.96
C GLU E 94 -2.21 -17.71 5.96
N GLY E 95 -3.28 -17.37 6.69
CA GLY E 95 -3.21 -16.42 7.77
C GLY E 95 -3.28 -14.97 7.36
N ARG E 96 -3.47 -14.66 6.08
CA ARG E 96 -3.58 -13.28 5.62
C ARG E 96 -4.95 -13.05 5.02
N ASP E 97 -5.50 -11.87 5.27
CA ASP E 97 -6.78 -11.48 4.72
C ASP E 97 -6.62 -11.08 3.27
N LEU E 98 -7.35 -11.76 2.38
CA LEU E 98 -7.41 -11.42 0.97
C LEU E 98 -8.77 -10.80 0.67
N MET E 99 -8.76 -9.80 -0.19
CA MET E 99 -9.96 -9.05 -0.57
C MET E 99 -10.30 -9.36 -2.03
N LEU E 100 -11.56 -9.65 -2.29
CA LEU E 100 -12.05 -9.89 -3.64
C LEU E 100 -13.15 -8.89 -3.98
N ARG E 101 -13.08 -8.36 -5.20
CA ARG E 101 -14.14 -7.52 -5.77
C ARG E 101 -14.58 -8.20 -7.07
N GLN E 102 -15.79 -8.76 -7.07
CA GLN E 102 -16.26 -9.63 -8.13
C GLN E 102 -17.57 -9.11 -8.67
N VAL E 103 -17.70 -9.07 -10.00
CA VAL E 103 -18.91 -8.62 -10.67
C VAL E 103 -19.38 -9.72 -11.60
N PHE E 104 -20.62 -10.19 -11.39
CA PHE E 104 -21.25 -11.16 -12.27
C PHE E 104 -22.25 -10.43 -13.15
N ILE E 105 -22.08 -10.53 -14.47
CA ILE E 105 -22.94 -9.87 -15.44
C ILE E 105 -23.69 -10.95 -16.20
N GLU E 106 -25.02 -10.94 -16.09
CA GLU E 106 -25.80 -11.99 -16.73
C GLU E 106 -25.64 -11.90 -18.24
N ARG E 107 -25.38 -13.05 -18.85
CA ARG E 107 -25.24 -13.14 -20.30
C ARG E 107 -25.41 -14.60 -20.68
N ARG E 108 -25.75 -14.82 -21.93
CA ARG E 108 -25.73 -16.18 -22.47
C ARG E 108 -24.80 -16.21 -23.68
N PRO E 109 -24.12 -17.34 -23.92
CA PRO E 109 -24.30 -18.61 -23.22
C PRO E 109 -23.65 -18.71 -21.83
N ALA E 110 -22.89 -17.71 -21.40
CA ALA E 110 -22.17 -17.80 -20.14
C ALA E 110 -22.19 -16.45 -19.44
N VAL E 111 -22.18 -16.51 -18.09
CA VAL E 111 -22.13 -15.30 -17.30
C VAL E 111 -20.72 -14.71 -17.35
N LEU E 112 -20.63 -13.42 -17.65
CA LEU E 112 -19.35 -12.71 -17.54
C LEU E 112 -19.03 -12.48 -16.06
N ILE E 113 -17.78 -12.74 -15.68
CA ILE E 113 -17.32 -12.47 -14.33
C ILE E 113 -16.03 -11.66 -14.39
N THR E 114 -16.00 -10.54 -13.68
CA THR E 114 -14.78 -9.79 -13.41
C THR E 114 -14.38 -10.06 -11.97
N THR E 115 -13.09 -10.30 -11.74
CA THR E 115 -12.58 -10.56 -10.40
C THR E 115 -11.32 -9.76 -10.15
N LEU E 116 -11.39 -8.84 -9.21
CA LEU E 116 -10.22 -8.11 -8.71
C LEU E 116 -9.79 -8.76 -7.39
N THR E 117 -8.51 -9.10 -7.31
CA THR E 117 -7.93 -9.68 -6.10
C THR E 117 -6.91 -8.72 -5.53
N THR E 118 -7.05 -8.41 -4.23
CA THR E 118 -6.11 -7.50 -3.56
C THR E 118 -6.16 -7.84 -2.07
N THR E 119 -5.87 -6.85 -1.23
CA THR E 119 -6.04 -6.94 0.22
C THR E 119 -6.91 -5.78 0.67
N PRO E 120 -7.61 -5.93 1.80
CA PRO E 120 -8.42 -4.80 2.31
C PRO E 120 -7.62 -3.51 2.41
N ALA E 121 -6.33 -3.62 2.77
CA ALA E 121 -5.50 -2.43 2.91
C ALA E 121 -5.18 -1.79 1.57
N ASP E 122 -5.11 -2.57 0.50
CA ASP E 122 -4.69 -2.07 -0.80
C ASP E 122 -5.84 -1.65 -1.71
N LEU E 123 -7.09 -1.97 -1.36
CA LEU E 123 -8.20 -1.73 -2.26
C LEU E 123 -8.37 -0.26 -2.63
N PRO E 124 -8.45 0.68 -1.69
CA PRO E 124 -8.67 2.09 -2.10
C PRO E 124 -7.66 2.62 -3.09
N HIS E 125 -6.45 2.09 -3.10
CA HIS E 125 -5.43 2.58 -4.01
C HIS E 125 -5.51 1.92 -5.37
N HIS E 126 -6.00 0.69 -5.43
CA HIS E 126 -6.30 0.03 -6.68
C HIS E 126 -7.69 0.35 -7.19
N GLU E 127 -8.53 1.00 -6.39
CA GLU E 127 -9.93 1.17 -6.74
C GLU E 127 -10.14 2.08 -7.96
N PRO E 128 -9.41 3.21 -8.05
CA PRO E 128 -9.64 4.10 -9.23
C PRO E 128 -9.47 3.39 -10.57
N ALA E 129 -8.37 2.64 -10.74
CA ALA E 129 -8.17 1.91 -11.98
C ALA E 129 -9.25 0.85 -12.19
N TRP E 130 -9.70 0.23 -11.10
CA TRP E 130 -10.80 -0.73 -11.21
C TRP E 130 -12.09 -0.03 -11.64
N LYS E 131 -12.40 1.10 -11.00
CA LYS E 131 -13.53 1.90 -11.45
C LYS E 131 -13.43 2.20 -12.94
N GLN E 132 -12.28 2.73 -13.36
CA GLN E 132 -12.06 3.07 -14.77
C GLN E 132 -12.44 1.90 -15.68
N ALA E 133 -12.01 0.69 -15.32
CA ALA E 133 -12.25 -0.47 -16.18
C ALA E 133 -13.73 -0.84 -16.23
N MET E 134 -14.37 -0.94 -15.06
CA MET E 134 -15.73 -1.48 -15.01
C MET E 134 -16.77 -0.50 -15.51
N GLN E 135 -16.53 0.81 -15.37
CA GLN E 135 -17.54 1.76 -15.84
C GLN E 135 -17.56 1.87 -17.35
N THR E 136 -16.47 1.47 -18.02
CA THR E 136 -16.42 1.50 -19.48
C THR E 136 -16.76 0.16 -20.10
N LEU E 137 -16.84 -0.91 -19.31
CA LEU E 137 -17.21 -2.22 -19.83
C LEU E 137 -18.58 -2.17 -20.49
N VAL E 138 -18.64 -2.21 -21.82
CA VAL E 138 -19.90 -2.23 -22.55
C VAL E 138 -20.17 -3.65 -23.02
N PRO E 139 -21.10 -4.38 -22.42
CA PRO E 139 -21.38 -5.74 -22.87
C PRO E 139 -21.85 -5.76 -24.33
N ARG E 140 -21.78 -6.94 -24.93
CA ARG E 140 -22.31 -7.12 -26.27
C ARG E 140 -23.63 -7.86 -26.24
N PRO E 141 -24.41 -7.74 -27.31
CA PRO E 141 -25.53 -8.63 -27.67
C PRO E 141 -25.00 -9.86 -28.41
N MET F 1 -19.45 -20.96 -10.97
CA MET F 1 -18.01 -20.61 -10.88
C MET F 1 -17.39 -21.20 -9.62
N ASP F 2 -16.18 -21.74 -9.75
CA ASP F 2 -15.42 -22.24 -8.62
C ASP F 2 -14.74 -21.05 -7.94
N ALA F 3 -15.27 -20.63 -6.79
CA ALA F 3 -14.64 -19.57 -6.02
C ALA F 3 -13.22 -19.97 -5.60
N GLN F 4 -13.05 -21.23 -5.22
CA GLN F 4 -11.73 -21.75 -4.86
C GLN F 4 -10.66 -21.35 -5.87
N ALA F 5 -10.93 -21.54 -7.17
CA ALA F 5 -9.93 -21.33 -8.19
C ALA F 5 -9.79 -19.85 -8.55
N ALA F 6 -10.91 -19.15 -8.74
CA ALA F 6 -10.85 -17.72 -9.04
C ALA F 6 -10.05 -16.98 -7.98
N ALA F 7 -10.15 -17.42 -6.72
CA ALA F 7 -9.36 -16.81 -5.66
C ALA F 7 -7.89 -17.17 -5.81
N ARG F 8 -7.59 -18.42 -6.16
CA ARG F 8 -6.20 -18.84 -6.21
C ARG F 8 -5.45 -18.23 -7.39
N LEU F 9 -6.12 -18.12 -8.55
CA LEU F 9 -5.44 -17.63 -9.74
C LEU F 9 -5.07 -16.16 -9.58
N GLY F 10 -6.04 -15.31 -9.27
CA GLY F 10 -5.72 -13.92 -8.99
C GLY F 10 -4.65 -13.77 -7.94
N ASP F 11 -4.74 -14.56 -6.87
CA ASP F 11 -3.69 -14.62 -5.87
C ASP F 11 -2.35 -14.92 -6.52
N GLU F 12 -2.30 -15.92 -7.39
CA GLU F 12 -1.03 -16.37 -7.94
C GLU F 12 -0.49 -15.43 -9.01
N ILE F 13 -1.37 -14.79 -9.79
CA ILE F 13 -0.89 -13.84 -10.79
C ILE F 13 -0.32 -12.60 -10.12
N ALA F 14 -0.95 -12.15 -9.03
CA ALA F 14 -0.48 -10.93 -8.37
C ALA F 14 0.95 -11.10 -7.87
N HIS F 15 1.29 -12.29 -7.38
CA HIS F 15 2.60 -12.56 -6.80
C HIS F 15 3.58 -13.16 -7.79
N GLY F 16 3.32 -13.03 -9.09
CA GLY F 16 4.29 -13.35 -10.11
C GLY F 16 4.45 -14.80 -10.47
N PHE F 17 3.49 -15.66 -10.11
CA PHE F 17 3.61 -17.09 -10.35
C PHE F 17 2.63 -17.58 -11.42
N GLY F 18 2.18 -16.69 -12.29
CA GLY F 18 1.41 -17.12 -13.45
C GLY F 18 2.30 -17.77 -14.50
N VAL F 19 1.73 -18.69 -15.25
CA VAL F 19 2.51 -19.47 -16.22
C VAL F 19 3.18 -18.54 -17.22
N ALA F 20 2.42 -17.63 -17.81
CA ALA F 20 2.96 -16.73 -18.83
C ALA F 20 4.20 -16.00 -18.34
N ALA F 21 4.42 -15.93 -17.03
CA ALA F 21 5.59 -15.25 -16.48
C ALA F 21 6.79 -16.19 -16.35
N MET F 22 6.57 -17.45 -16.02
CA MET F 22 7.67 -18.34 -15.68
C MET F 22 8.19 -19.16 -16.86
N VAL F 23 7.43 -19.28 -17.95
CA VAL F 23 7.88 -20.03 -19.12
C VAL F 23 7.57 -19.26 -20.40
N ALA F 24 8.34 -19.58 -21.44
CA ALA F 24 8.22 -18.91 -22.72
C ALA F 24 6.90 -19.28 -23.40
N GLY F 25 6.60 -18.54 -24.47
CA GLY F 25 5.37 -18.73 -25.21
C GLY F 25 5.07 -20.16 -25.57
N ALA F 26 5.94 -20.79 -26.36
CA ALA F 26 5.69 -22.16 -26.81
C ALA F 26 5.45 -23.09 -25.63
N VAL F 27 6.30 -23.00 -24.61
CA VAL F 27 6.17 -23.89 -23.45
C VAL F 27 4.88 -23.59 -22.68
N ALA F 28 4.65 -22.30 -22.39
CA ALA F 28 3.42 -21.93 -21.69
C ALA F 28 2.20 -22.46 -22.45
N GLY F 29 2.12 -22.16 -23.75
CA GLY F 29 0.99 -22.64 -24.54
C GLY F 29 0.80 -24.13 -24.42
N ALA F 30 1.88 -24.89 -24.50
CA ALA F 30 1.79 -26.34 -24.38
C ALA F 30 1.29 -26.76 -23.00
N LEU F 31 1.86 -26.17 -21.94
CA LEU F 31 1.43 -26.52 -20.59
C LEU F 31 -0.07 -26.31 -20.43
N ILE F 32 -0.58 -25.17 -20.87
CA ILE F 32 -2.02 -24.90 -20.76
C ILE F 32 -2.80 -25.91 -21.59
N GLY F 33 -2.26 -26.27 -22.75
CA GLY F 33 -2.93 -27.26 -23.58
C GLY F 33 -3.04 -28.61 -22.89
N ALA F 34 -1.97 -29.05 -22.23
CA ALA F 34 -2.03 -30.31 -21.49
C ALA F 34 -3.03 -30.21 -20.35
N ALA F 35 -2.97 -29.12 -19.57
CA ALA F 35 -3.89 -28.94 -18.45
C ALA F 35 -5.34 -29.09 -18.90
N VAL F 36 -5.71 -28.44 -20.00
CA VAL F 36 -7.09 -28.48 -20.49
C VAL F 36 -7.48 -29.90 -20.88
N VAL F 37 -6.59 -30.63 -21.57
CA VAL F 37 -6.91 -31.98 -22.00
C VAL F 37 -6.84 -32.98 -20.85
N ALA F 38 -6.10 -32.67 -19.79
CA ALA F 38 -6.05 -33.52 -18.61
C ALA F 38 -7.16 -33.20 -17.61
N ALA F 39 -7.99 -32.20 -17.89
CA ALA F 39 -9.08 -31.84 -17.00
C ALA F 39 -9.89 -33.07 -16.62
N THR F 40 -10.05 -33.29 -15.32
CA THR F 40 -10.73 -34.46 -14.80
C THR F 40 -12.11 -34.08 -14.29
N ALA F 41 -13.12 -34.83 -14.72
CA ALA F 41 -14.51 -34.52 -14.40
C ALA F 41 -14.82 -33.05 -14.65
N THR F 43 -12.11 -28.04 -13.80
CA THR F 43 -12.95 -28.42 -14.93
C THR F 43 -13.27 -27.21 -15.82
N GLY F 44 -12.81 -26.04 -15.40
CA GLY F 44 -12.99 -24.83 -16.19
C GLY F 44 -11.68 -24.17 -16.58
N GLY F 45 -11.77 -22.98 -17.17
CA GLY F 45 -10.57 -22.27 -17.58
C GLY F 45 -9.63 -22.00 -16.42
N LEU F 46 -10.15 -21.54 -15.29
CA LEU F 46 -9.30 -21.22 -14.15
C LEU F 46 -8.49 -22.44 -13.71
N ALA F 47 -9.16 -23.58 -13.53
CA ALA F 47 -8.45 -24.79 -13.11
C ALA F 47 -7.30 -25.11 -14.04
N ALA F 48 -7.49 -24.92 -15.35
CA ALA F 48 -6.44 -25.24 -16.30
C ALA F 48 -5.24 -24.31 -16.12
N VAL F 49 -5.48 -23.01 -16.04
CA VAL F 49 -4.39 -22.04 -15.93
C VAL F 49 -3.63 -22.23 -14.62
N ILE F 50 -4.35 -22.58 -13.54
CA ILE F 50 -3.68 -22.83 -12.27
C ILE F 50 -2.79 -24.06 -12.37
N LEU F 51 -3.32 -25.15 -12.93
CA LEU F 51 -2.52 -26.36 -13.07
C LEU F 51 -1.30 -26.11 -13.93
N ALA F 52 -1.48 -25.40 -15.06
CA ALA F 52 -0.33 -25.06 -15.90
C ALA F 52 0.78 -24.41 -15.08
N GLY F 53 0.41 -23.61 -14.09
CA GLY F 53 1.41 -23.00 -13.23
C GLY F 53 2.09 -24.01 -12.32
N SER F 54 1.34 -24.98 -11.82
CA SER F 54 1.94 -26.07 -11.06
C SER F 54 2.97 -26.83 -11.90
N ILE F 55 2.65 -27.08 -13.18
CA ILE F 55 3.55 -27.84 -14.03
C ILE F 55 4.90 -27.15 -14.17
N ALA F 56 4.87 -25.85 -14.50
CA ALA F 56 6.12 -25.13 -14.71
C ALA F 56 7.04 -25.20 -13.50
N ALA F 57 6.47 -25.28 -12.30
CA ALA F 57 7.26 -25.42 -11.08
C ALA F 57 7.49 -26.89 -10.77
N THR G 2 -3.54 9.27 11.47
CA THR G 2 -4.79 9.85 11.01
C THR G 2 -4.95 9.76 9.50
N LEU G 3 -6.14 9.34 9.06
CA LEU G 3 -6.59 9.61 7.71
C LEU G 3 -7.17 11.02 7.68
N TYR G 4 -6.61 11.89 6.85
CA TYR G 4 -6.97 13.30 6.87
C TYR G 4 -8.03 13.58 5.80
N ARG G 5 -9.10 14.22 6.21
CA ARG G 5 -10.24 14.50 5.34
C ARG G 5 -10.19 15.96 4.90
N LEU G 6 -10.03 16.18 3.60
CA LEU G 6 -10.19 17.50 3.03
C LEU G 6 -11.16 17.41 1.85
N HIS G 7 -11.56 18.57 1.34
CA HIS G 7 -12.67 18.62 0.40
C HIS G 7 -12.39 17.82 -0.86
N GLU G 8 -11.13 17.74 -1.28
CA GLU G 8 -10.80 17.24 -2.61
C GLU G 8 -10.16 15.86 -2.62
N ALA G 9 -9.74 15.34 -1.47
CA ALA G 9 -9.02 14.06 -1.49
C ALA G 9 -8.85 13.53 -0.08
N ASP G 10 -8.38 12.29 -0.01
CA ASP G 10 -7.99 11.62 1.23
C ASP G 10 -6.50 11.37 1.19
N LEU G 11 -5.84 11.47 2.34
CA LEU G 11 -4.42 11.13 2.43
C LEU G 11 -4.08 10.86 3.89
N GLU G 12 -3.06 10.03 4.09
CA GLU G 12 -2.63 9.67 5.44
C GLU G 12 -1.59 10.67 5.93
N ILE G 13 -1.88 11.31 7.04
CA ILE G 13 -1.01 12.32 7.65
C ILE G 13 -0.37 11.70 8.89
N PRO G 14 0.96 11.75 9.04
CA PRO G 14 1.55 11.39 10.33
C PRO G 14 0.91 12.22 11.44
N ASP G 15 0.66 11.57 12.58
CA ASP G 15 -0.03 12.25 13.68
C ASP G 15 0.89 13.23 14.41
N ALA G 16 2.21 13.07 14.28
CA ALA G 16 3.13 14.05 14.83
C ALA G 16 3.07 15.38 14.10
N TRP G 17 2.45 15.43 12.92
CA TRP G 17 2.37 16.67 12.16
C TRP G 17 1.39 17.64 12.82
N GLN G 18 1.77 18.92 12.84
CA GLN G 18 0.98 19.96 13.48
C GLN G 18 0.01 20.57 12.48
N ASP G 19 -1.29 20.42 12.71
CA ASP G 19 -2.28 21.00 11.81
C ASP G 19 -2.50 22.47 12.16
N GLN G 20 -2.31 23.34 11.17
CA GLN G 20 -2.58 24.78 11.30
C GLN G 20 -3.34 25.27 10.07
N SER G 21 -4.19 24.42 9.51
CA SER G 21 -4.88 24.75 8.27
C SER G 21 -5.83 25.93 8.48
N ILE G 22 -6.04 26.68 7.41
CA ILE G 22 -6.96 27.83 7.40
C ILE G 22 -7.83 27.74 6.15
N ASN G 23 -9.12 27.51 6.36
CA ASN G 23 -10.08 27.50 5.27
C ASN G 23 -10.58 28.93 5.03
N ILE G 24 -10.61 29.34 3.77
CA ILE G 24 -10.94 30.70 3.37
C ILE G 24 -11.99 30.65 2.28
N PHE G 25 -12.98 31.55 2.39
CA PHE G 25 -14.03 31.64 1.38
C PHE G 25 -14.31 33.11 1.09
N LYS G 26 -14.25 33.48 -0.19
CA LYS G 26 -14.57 34.84 -0.65
C LYS G 26 -16.06 34.89 -1.00
N LEU G 27 -16.83 35.64 -0.22
CA LEU G 27 -18.24 35.87 -0.52
C LEU G 27 -18.35 36.93 -1.61
N PRO G 28 -18.95 36.62 -2.76
CA PRO G 28 -18.97 37.60 -3.85
C PRO G 28 -19.90 38.76 -3.57
N ALA G 29 -19.59 39.89 -4.20
CA ALA G 29 -20.48 41.05 -4.12
C ALA G 29 -21.82 40.72 -4.76
N SER G 30 -22.90 41.22 -4.15
CA SER G 30 -24.24 40.92 -4.62
C SER G 30 -25.15 42.09 -4.29
N GLY G 31 -25.72 42.71 -5.32
CA GLY G 31 -26.57 43.87 -5.11
C GLY G 31 -25.79 45.01 -4.52
N PRO G 32 -26.30 45.60 -3.42
CA PRO G 32 -25.57 46.69 -2.76
C PRO G 32 -24.42 46.23 -1.88
N ALA G 33 -24.11 44.95 -1.86
CA ALA G 33 -23.15 44.37 -0.92
C ALA G 33 -21.85 44.08 -1.64
N ARG G 34 -20.76 44.71 -1.20
CA ARG G 34 -19.44 44.42 -1.73
C ARG G 34 -18.82 43.26 -0.93
N GLU G 35 -17.71 42.74 -1.46
CA GLU G 35 -17.19 41.45 -1.03
C GLU G 35 -17.08 41.32 0.49
N ALA G 36 -17.20 40.08 0.97
CA ALA G 36 -17.01 39.75 2.38
C ALA G 36 -16.24 38.44 2.48
N SER G 37 -15.72 38.16 3.67
CA SER G 37 -14.84 37.02 3.90
C SER G 37 -15.35 36.14 5.03
N PHE G 38 -15.04 34.84 4.94
CA PHE G 38 -15.34 33.86 5.98
C PHE G 38 -14.14 32.93 6.10
N VAL G 39 -13.59 32.81 7.31
CA VAL G 39 -12.36 32.07 7.53
C VAL G 39 -12.53 31.13 8.72
N ILE G 40 -12.01 29.92 8.60
CA ILE G 40 -12.01 28.92 9.66
C ILE G 40 -10.57 28.69 10.07
N SER G 41 -10.28 28.92 11.35
CA SER G 41 -8.93 28.76 11.89
C SER G 41 -8.97 27.75 13.04
N ARG G 42 -7.78 27.33 13.47
CA ARG G 42 -7.61 26.48 14.63
C ARG G 42 -6.66 27.14 15.61
N ASP G 43 -6.91 26.94 16.90
CA ASP G 43 -6.06 27.48 17.96
C ASP G 43 -5.80 26.38 18.98
N ALA G 44 -4.54 25.99 19.11
CA ALA G 44 -4.13 24.93 20.02
C ALA G 44 -3.55 25.47 21.32
N SER G 45 -3.88 26.71 21.66
CA SER G 45 -3.27 27.38 22.80
C SER G 45 -4.10 27.32 24.08
N GLN G 46 -5.28 26.68 24.04
CA GLN G 46 -6.14 26.69 25.22
C GLN G 46 -5.41 26.14 26.44
N GLY G 47 -4.57 25.13 26.24
CA GLY G 47 -3.80 24.58 27.35
C GLY G 47 -4.64 24.10 28.51
N ASP G 48 -5.79 23.48 28.22
CA ASP G 48 -6.68 22.95 29.24
C ASP G 48 -7.02 24.00 30.30
N ALA G 49 -7.13 25.26 29.89
CA ALA G 49 -7.79 26.26 30.71
C ALA G 49 -9.30 26.13 30.51
N PRO G 50 -10.09 26.62 31.46
CA PRO G 50 -11.55 26.58 31.26
C PRO G 50 -11.92 27.40 30.04
N PHE G 51 -12.77 26.83 29.19
CA PHE G 51 -13.17 27.50 27.95
C PHE G 51 -13.58 28.95 28.22
N ALA G 52 -14.27 29.18 29.34
CA ALA G 52 -14.67 30.54 29.68
C ALA G 52 -13.47 31.47 29.81
N ASP G 53 -12.33 30.96 30.30
CA ASP G 53 -11.15 31.78 30.45
C ASP G 53 -10.39 31.94 29.13
N TYR G 54 -10.45 30.93 28.27
CA TYR G 54 -9.85 31.07 26.94
C TYR G 54 -10.54 32.19 26.17
N VAL G 55 -11.87 32.15 26.12
CA VAL G 55 -12.62 33.19 25.40
C VAL G 55 -12.38 34.56 26.03
N ALA G 56 -12.34 34.62 27.36
CA ALA G 56 -12.03 35.87 28.03
C ALA G 56 -10.68 36.41 27.58
N ARG G 57 -9.68 35.53 27.52
CA ARG G 57 -8.38 35.93 27.01
C ARG G 57 -8.50 36.46 25.58
N GLN G 58 -9.32 35.82 24.76
CA GLN G 58 -9.46 36.25 23.37
C GLN G 58 -10.04 37.65 23.28
N LEU G 59 -10.91 38.04 24.22
CA LEU G 59 -11.54 39.35 24.14
C LEU G 59 -10.61 40.47 24.61
N GLU G 60 -9.73 40.19 25.57
CA GLU G 60 -8.72 41.18 25.94
C GLU G 60 -7.78 41.44 24.77
N ASN G 61 -7.44 40.40 24.01
CA ASN G 61 -6.44 40.56 22.95
C ASN G 61 -6.99 41.34 21.77
N ALA G 62 -8.24 41.06 21.37
CA ALA G 62 -8.85 41.82 20.28
C ALA G 62 -9.01 43.27 20.67
N GLU G 63 -9.40 43.53 21.92
CA GLU G 63 -9.56 44.90 22.40
C GLU G 63 -8.23 45.64 22.45
N LYS G 64 -7.12 44.93 22.49
CA LYS G 64 -5.79 45.53 22.55
C LYS G 64 -5.25 45.82 21.14
N GLN G 65 -5.13 44.78 20.31
CA GLN G 65 -4.40 44.87 19.06
C GLN G 65 -5.25 45.31 17.87
N LEU G 66 -6.56 45.43 18.03
CA LEU G 66 -7.40 45.85 16.92
C LEU G 66 -7.76 47.32 17.05
N PRO G 67 -7.29 48.19 16.17
CA PRO G 67 -7.73 49.59 16.22
C PRO G 67 -9.24 49.70 16.06
N GLY G 68 -9.86 50.51 16.92
CA GLY G 68 -11.28 50.76 16.83
C GLY G 68 -12.17 49.62 17.24
N PHE G 69 -11.65 48.68 18.05
CA PHE G 69 -12.45 47.53 18.46
C PHE G 69 -13.68 47.99 19.24
N LYS G 70 -14.74 47.20 19.15
CA LYS G 70 -15.99 47.52 19.84
C LYS G 70 -16.96 46.34 19.80
N LEU G 71 -17.09 45.64 20.92
CA LEU G 71 -18.02 44.52 21.02
C LEU G 71 -19.45 45.04 21.07
N HIS G 72 -20.33 44.45 20.25
CA HIS G 72 -21.75 44.76 20.28
C HIS G 72 -22.55 43.68 21.00
N LYS G 73 -22.22 42.41 20.77
CA LYS G 73 -23.02 41.31 21.26
C LYS G 73 -22.13 40.11 21.54
N ARG G 74 -22.48 39.36 22.59
CA ARG G 74 -21.83 38.09 22.88
C ARG G 74 -22.92 37.10 23.27
N TRP G 75 -22.92 35.93 22.63
CA TRP G 75 -23.79 34.83 23.00
C TRP G 75 -22.94 33.69 23.56
N ASP G 76 -23.47 32.98 24.54
CA ASP G 76 -22.95 31.67 24.95
C ASP G 76 -23.95 30.63 24.43
N ILE G 77 -23.51 29.81 23.49
CA ILE G 77 -24.37 28.87 22.80
C ILE G 77 -23.70 27.49 22.82
N ASN G 78 -24.35 26.53 22.19
CA ASN G 78 -23.80 25.19 22.02
C ASN G 78 -23.96 24.80 20.55
N ILE G 79 -22.88 24.30 19.96
CA ILE G 79 -22.90 23.76 18.60
C ILE G 79 -22.74 22.25 18.72
N HIS G 80 -23.85 21.54 18.57
CA HIS G 80 -23.86 20.07 18.58
C HIS G 80 -22.99 19.52 19.70
N GLY G 81 -23.25 20.01 20.91
CA GLY G 81 -22.63 19.47 22.11
C GLY G 81 -21.39 20.19 22.58
N HIS G 82 -20.83 21.09 21.77
CA HIS G 82 -19.62 21.82 22.12
C HIS G 82 -19.97 23.22 22.59
N ALA G 83 -19.33 23.67 23.67
CA ALA G 83 -19.54 25.01 24.18
C ALA G 83 -18.98 26.03 23.18
N ALA G 84 -19.78 27.06 22.88
CA ALA G 84 -19.42 27.99 21.83
C ALA G 84 -19.74 29.42 22.22
N VAL G 85 -18.92 30.33 21.72
CA VAL G 85 -19.09 31.76 21.90
C VAL G 85 -19.18 32.42 20.53
N LEU G 86 -20.19 33.27 20.35
CA LEU G 86 -20.35 34.07 19.14
C LEU G 86 -20.20 35.54 19.53
N LEU G 87 -19.27 36.23 18.88
CA LEU G 87 -19.04 37.64 19.13
C LEU G 87 -19.46 38.48 17.92
N ASP G 88 -20.19 39.55 18.18
CA ASP G 88 -20.41 40.62 17.22
C ASP G 88 -19.56 41.81 17.67
N TYR G 89 -18.52 42.13 16.91
CA TYR G 89 -17.72 43.31 17.17
C TYR G 89 -17.29 43.90 15.84
N GLN G 90 -16.66 45.08 15.94
CA GLN G 90 -16.22 45.82 14.77
C GLN G 90 -14.83 46.37 15.06
N TRP G 91 -14.05 46.58 14.00
CA TRP G 91 -12.82 47.32 14.11
C TRP G 91 -12.60 48.07 12.79
N GLN G 92 -11.47 48.76 12.71
CA GLN G 92 -11.29 49.82 11.72
C GLN G 92 -9.84 49.86 11.27
N ARG G 93 -9.64 49.69 9.96
CA ARG G 93 -8.31 49.64 9.35
C ARG G 93 -8.32 50.40 8.04
N GLU G 94 -7.30 51.24 7.84
CA GLU G 94 -7.18 52.09 6.66
C GLU G 94 -8.45 52.91 6.43
N GLY G 95 -9.05 53.38 7.53
CA GLY G 95 -10.21 54.25 7.42
C GLY G 95 -11.46 53.57 6.88
N ARG G 96 -11.60 52.27 7.09
CA ARG G 96 -12.74 51.51 6.62
C ARG G 96 -13.33 50.69 7.76
N ASP G 97 -14.63 50.86 7.98
CA ASP G 97 -15.33 50.11 9.02
C ASP G 97 -15.48 48.64 8.61
N LEU G 98 -15.06 47.74 9.49
CA LEU G 98 -15.20 46.30 9.30
C LEU G 98 -16.06 45.73 10.42
N MET G 99 -17.07 44.95 10.05
CA MET G 99 -17.97 44.30 10.99
C MET G 99 -17.69 42.81 11.00
N LEU G 100 -17.55 42.23 12.19
CA LEU G 100 -17.14 40.85 12.32
C LEU G 100 -18.21 40.02 13.05
N ARG G 101 -18.26 38.74 12.69
CA ARG G 101 -19.11 37.74 13.34
C ARG G 101 -18.22 36.53 13.60
N GLN G 102 -17.77 36.38 14.84
CA GLN G 102 -16.79 35.38 15.22
C GLN G 102 -17.44 34.32 16.11
N VAL G 103 -17.19 33.05 15.81
CA VAL G 103 -17.65 31.97 16.67
C VAL G 103 -16.44 31.15 17.11
N PHE G 104 -16.37 30.86 18.40
CA PHE G 104 -15.35 29.96 18.96
C PHE G 104 -16.05 28.68 19.38
N ILE G 105 -15.54 27.53 18.94
CA ILE G 105 -16.14 26.23 19.23
C ILE G 105 -15.09 25.39 19.95
N GLU G 106 -15.38 24.98 21.18
CA GLU G 106 -14.42 24.20 21.94
C GLU G 106 -14.34 22.78 21.39
N ARG G 107 -13.12 22.34 21.10
CA ARG G 107 -12.85 20.99 20.61
C ARG G 107 -11.42 20.65 20.99
N ARG G 108 -11.12 19.36 21.02
CA ARG G 108 -9.74 18.93 21.16
C ARG G 108 -9.30 18.26 19.86
N PRO G 109 -8.08 18.53 19.36
CA PRO G 109 -6.98 19.24 20.00
C PRO G 109 -6.99 20.75 19.90
N ALA G 110 -8.02 21.34 19.28
CA ALA G 110 -8.00 22.77 19.08
C ALA G 110 -9.42 23.33 18.95
N VAL G 111 -9.57 24.56 19.41
CA VAL G 111 -10.81 25.30 19.21
C VAL G 111 -10.97 25.59 17.73
N LEU G 112 -12.16 25.29 17.20
CA LEU G 112 -12.54 25.77 15.87
C LEU G 112 -13.01 27.21 15.97
N ILE G 113 -12.54 28.06 15.07
CA ILE G 113 -12.87 29.48 15.08
C ILE G 113 -13.33 29.89 13.68
N THR G 114 -14.56 30.37 13.59
CA THR G 114 -15.12 30.89 12.35
C THR G 114 -15.17 32.41 12.46
N THR G 115 -14.73 33.11 11.41
CA THR G 115 -14.71 34.57 11.40
C THR G 115 -15.27 35.07 10.08
N LEU G 116 -16.33 35.87 10.16
CA LEU G 116 -16.88 36.57 9.01
C LEU G 116 -16.44 38.02 9.08
N THR G 117 -15.97 38.57 7.96
CA THR G 117 -15.53 39.95 7.88
C THR G 117 -16.31 40.66 6.79
N THR G 118 -16.99 41.73 7.15
CA THR G 118 -17.79 42.51 6.21
C THR G 118 -17.82 43.97 6.68
N THR G 119 -18.73 44.77 6.13
CA THR G 119 -18.93 46.14 6.57
C THR G 119 -20.27 46.28 7.27
N PRO G 120 -20.39 47.18 8.26
CA PRO G 120 -21.71 47.43 8.86
C PRO G 120 -22.79 47.72 7.82
N ALA G 121 -22.43 48.41 6.74
CA ALA G 121 -23.41 48.72 5.71
C ALA G 121 -23.91 47.46 5.02
N ASP G 122 -23.01 46.55 4.69
CA ASP G 122 -23.34 45.38 3.88
C ASP G 122 -23.62 44.13 4.70
N LEU G 123 -23.46 44.16 6.02
CA LEU G 123 -23.68 42.96 6.81
C LEU G 123 -25.07 42.37 6.59
N PRO G 124 -26.16 43.15 6.65
CA PRO G 124 -27.49 42.53 6.54
C PRO G 124 -27.65 41.61 5.33
N HIS G 125 -26.89 41.84 4.27
CA HIS G 125 -27.05 41.06 3.04
C HIS G 125 -26.15 39.83 3.00
N HIS G 126 -25.00 39.85 3.66
CA HIS G 126 -24.17 38.66 3.75
C HIS G 126 -24.53 37.78 4.94
N GLU G 127 -25.25 38.31 5.93
CA GLU G 127 -25.52 37.54 7.14
C GLU G 127 -26.34 36.29 6.85
N PRO G 128 -27.43 36.34 6.07
CA PRO G 128 -28.20 35.11 5.81
C PRO G 128 -27.33 33.95 5.38
N ALA G 129 -26.45 34.17 4.39
CA ALA G 129 -25.56 33.11 3.97
C ALA G 129 -24.65 32.65 5.10
N TRP G 130 -24.19 33.60 5.92
CA TRP G 130 -23.40 33.23 7.10
C TRP G 130 -24.25 32.45 8.10
N LYS G 131 -25.48 32.92 8.35
CA LYS G 131 -26.39 32.19 9.22
C LYS G 131 -26.54 30.75 8.75
N GLN G 132 -26.78 30.56 7.46
CA GLN G 132 -26.93 29.21 6.91
C GLN G 132 -25.71 28.36 7.20
N ALA G 133 -24.52 28.83 6.79
CA ALA G 133 -23.31 28.03 6.94
C ALA G 133 -23.07 27.66 8.40
N MET G 134 -23.11 28.65 9.30
CA MET G 134 -22.88 28.36 10.71
C MET G 134 -23.94 27.43 11.28
N GLN G 135 -25.15 27.46 10.71
CA GLN G 135 -26.20 26.55 11.14
C GLN G 135 -26.06 25.15 10.57
N THR G 136 -25.14 24.94 9.62
CA THR G 136 -24.87 23.62 9.09
C THR G 136 -23.57 23.01 9.62
N LEU G 137 -22.75 23.80 10.32
CA LEU G 137 -21.48 23.30 10.82
C LEU G 137 -21.73 22.29 11.94
N VAL G 138 -21.45 21.02 11.67
CA VAL G 138 -21.57 19.97 12.68
C VAL G 138 -20.19 19.37 12.89
N PRO G 139 -19.54 19.62 14.04
CA PRO G 139 -18.20 19.09 14.25
C PRO G 139 -18.16 17.58 14.21
N ARG G 140 -16.95 17.04 14.08
CA ARG G 140 -16.74 15.61 13.96
C ARG G 140 -15.89 15.11 15.12
N PRO G 141 -16.28 14.00 15.76
CA PRO G 141 -15.46 13.45 16.86
C PRO G 141 -14.34 12.56 16.35
N THR G 142 -13.71 11.79 17.25
CA THR G 142 -12.71 10.80 16.86
C THR G 142 -13.09 9.42 17.42
N THR H 2 -24.07 22.71 -1.74
CA THR H 2 -22.95 21.79 -1.88
C THR H 2 -22.12 21.79 -0.60
N LEU H 3 -21.99 20.62 0.02
CA LEU H 3 -21.33 20.49 1.31
C LEU H 3 -19.81 20.52 1.13
N TYR H 4 -19.14 21.24 2.04
CA TYR H 4 -17.69 21.35 2.06
C TYR H 4 -17.16 20.54 3.24
N ARG H 5 -16.17 19.69 2.96
CA ARG H 5 -15.66 18.73 3.94
C ARG H 5 -14.32 19.19 4.48
N LEU H 6 -14.20 19.22 5.81
CA LEU H 6 -12.95 19.49 6.49
C LEU H 6 -12.74 18.42 7.56
N HIS H 7 -11.55 18.41 8.15
CA HIS H 7 -11.18 17.33 9.05
C HIS H 7 -12.03 17.33 10.32
N GLU H 8 -12.48 18.49 10.78
CA GLU H 8 -13.10 18.61 12.08
C GLU H 8 -14.61 18.86 12.03
N ALA H 9 -15.20 18.90 10.84
CA ALA H 9 -16.62 19.19 10.73
C ALA H 9 -17.04 19.03 9.28
N ASP H 10 -18.35 19.18 9.04
CA ASP H 10 -18.90 19.35 7.72
C ASP H 10 -19.81 20.58 7.75
N LEU H 11 -19.87 21.31 6.65
CA LEU H 11 -20.73 22.48 6.59
C LEU H 11 -21.13 22.73 5.15
N GLU H 12 -22.22 23.47 4.98
CA GLU H 12 -22.80 23.77 3.68
C GLU H 12 -22.32 25.15 3.23
N ILE H 13 -21.62 25.19 2.11
CA ILE H 13 -21.08 26.42 1.55
C ILE H 13 -21.75 26.65 0.20
N PRO H 14 -22.29 27.84 -0.07
CA PRO H 14 -22.76 28.13 -1.43
C PRO H 14 -21.63 27.96 -2.44
N ASP H 15 -21.99 27.59 -3.66
CA ASP H 15 -20.97 27.52 -4.72
C ASP H 15 -20.57 28.90 -5.19
N ALA H 16 -21.42 29.91 -5.00
CA ALA H 16 -21.01 31.28 -5.25
C ALA H 16 -19.85 31.69 -4.35
N TRP H 17 -19.68 31.02 -3.21
CA TRP H 17 -18.55 31.30 -2.34
C TRP H 17 -17.26 30.79 -2.98
N GLN H 18 -16.24 31.65 -2.97
CA GLN H 18 -14.99 31.41 -3.69
C GLN H 18 -13.95 30.83 -2.75
N ASP H 19 -13.54 29.59 -3.00
CA ASP H 19 -12.64 28.88 -2.09
C ASP H 19 -11.20 29.27 -2.33
N GLN H 20 -10.49 29.59 -1.23
CA GLN H 20 -9.07 29.90 -1.26
C GLN H 20 -8.38 29.26 -0.05
N SER H 21 -8.85 28.10 0.36
CA SER H 21 -8.34 27.46 1.56
C SER H 21 -6.88 27.04 1.40
N ILE H 22 -6.17 26.97 2.52
CA ILE H 22 -4.79 26.48 2.55
C ILE H 22 -4.66 25.54 3.73
N ASN H 23 -4.28 24.28 3.46
CA ASN H 23 -3.99 23.33 4.52
C ASN H 23 -2.51 23.40 4.88
N ILE H 24 -2.23 23.43 6.17
CA ILE H 24 -0.88 23.65 6.67
C ILE H 24 -0.56 22.63 7.75
N PHE H 25 0.56 21.93 7.58
CA PHE H 25 1.05 20.98 8.56
C PHE H 25 2.51 21.28 8.81
N LYS H 26 2.86 21.52 10.07
CA LYS H 26 4.27 21.61 10.42
C LYS H 26 4.78 20.21 10.73
N LEU H 27 5.87 19.85 10.09
CA LEU H 27 6.58 18.63 10.43
C LEU H 27 7.52 18.92 11.59
N PRO H 28 7.32 18.30 12.75
CA PRO H 28 8.15 18.64 13.90
C PRO H 28 9.59 18.20 13.70
N ALA H 29 10.49 18.87 14.42
CA ALA H 29 11.89 18.46 14.43
C ALA H 29 11.97 16.99 14.83
N SER H 30 12.89 16.27 14.20
CA SER H 30 12.82 14.80 14.22
C SER H 30 14.21 14.24 13.95
N GLY H 31 14.83 13.68 14.98
CA GLY H 31 16.16 13.14 14.85
C GLY H 31 17.17 14.22 14.52
N PRO H 32 17.91 14.06 13.42
CA PRO H 32 18.91 15.08 13.05
C PRO H 32 18.31 16.28 12.33
N ALA H 33 17.04 16.22 11.96
CA ALA H 33 16.43 17.22 11.10
C ALA H 33 15.69 18.27 11.91
N ARG H 34 15.63 19.49 11.35
CA ARG H 34 14.91 20.59 11.96
C ARG H 34 13.45 20.59 11.48
N GLU H 35 12.70 21.59 11.90
CA GLU H 35 11.28 21.63 11.60
C GLU H 35 11.05 21.86 10.11
N ALA H 36 9.98 21.29 9.59
CA ALA H 36 9.61 21.42 8.20
C ALA H 36 8.12 21.73 8.10
N SER H 37 7.67 22.02 6.88
CA SER H 37 6.27 22.36 6.65
C SER H 37 5.76 21.64 5.40
N PHE H 38 4.47 21.34 5.43
CA PHE H 38 3.74 20.72 4.32
C PHE H 38 2.48 21.54 4.10
N VAL H 39 2.27 21.98 2.85
CA VAL H 39 1.20 22.92 2.53
C VAL H 39 0.42 22.42 1.33
N ILE H 40 -0.90 22.51 1.41
CA ILE H 40 -1.79 22.19 0.29
C ILE H 40 -2.52 23.47 -0.09
N SER H 41 -2.40 23.86 -1.36
CA SER H 41 -2.98 25.10 -1.86
C SER H 41 -3.80 24.81 -3.11
N ARG H 42 -4.68 25.76 -3.46
CA ARG H 42 -5.52 25.64 -4.63
C ARG H 42 -5.29 26.82 -5.58
N ASP H 43 -5.40 26.55 -6.88
CA ASP H 43 -5.16 27.55 -7.92
C ASP H 43 -6.19 27.36 -9.03
N ALA H 44 -6.99 28.40 -9.26
CA ALA H 44 -8.07 28.35 -10.23
C ALA H 44 -7.76 29.09 -11.52
N SER H 45 -6.47 29.30 -11.81
CA SER H 45 -6.07 30.10 -12.96
C SER H 45 -5.81 29.29 -14.21
N GLN H 46 -5.85 27.95 -14.14
CA GLN H 46 -5.53 27.14 -15.30
C GLN H 46 -6.38 27.54 -16.51
N GLY H 47 -7.68 27.71 -16.30
CA GLY H 47 -8.56 28.07 -17.38
C GLY H 47 -8.52 27.06 -18.51
N ASP H 48 -8.02 27.48 -19.67
CA ASP H 48 -7.96 26.63 -20.84
C ASP H 48 -6.55 26.15 -21.19
N ALA H 49 -5.52 26.72 -20.58
CA ALA H 49 -4.16 26.28 -20.86
C ALA H 49 -4.05 24.77 -20.66
N PRO H 50 -3.46 24.03 -21.60
CA PRO H 50 -3.14 22.63 -21.32
C PRO H 50 -2.25 22.54 -20.09
N PHE H 51 -2.46 21.48 -19.31
CA PHE H 51 -1.80 21.39 -18.00
C PHE H 51 -0.30 21.60 -18.11
N ALA H 52 0.32 21.08 -19.17
CA ALA H 52 1.78 21.19 -19.30
C ALA H 52 2.23 22.64 -19.33
N ASP H 53 1.48 23.51 -20.01
CA ASP H 53 1.87 24.90 -20.12
C ASP H 53 1.44 25.73 -18.93
N TYR H 54 0.37 25.33 -18.22
CA TYR H 54 0.12 25.91 -16.91
C TYR H 54 1.30 25.67 -15.99
N VAL H 55 1.71 24.39 -15.87
CA VAL H 55 2.89 24.07 -15.07
C VAL H 55 4.08 24.89 -15.53
N ALA H 56 4.25 25.00 -16.85
CA ALA H 56 5.34 25.82 -17.39
C ALA H 56 5.27 27.24 -16.83
N ARG H 57 4.08 27.85 -16.87
CA ARG H 57 3.93 29.19 -16.30
C ARG H 57 4.36 29.22 -14.84
N GLN H 58 4.07 28.13 -14.11
CA GLN H 58 4.44 28.09 -12.69
C GLN H 58 5.95 28.03 -12.51
N LEU H 59 6.65 27.32 -13.41
CA LEU H 59 8.11 27.31 -13.36
C LEU H 59 8.68 28.67 -13.71
N GLU H 60 8.08 29.35 -14.70
CA GLU H 60 8.54 30.69 -15.07
C GLU H 60 8.25 31.71 -13.97
N ASN H 61 7.14 31.51 -13.24
CA ASN H 61 6.85 32.37 -12.09
C ASN H 61 7.69 32.00 -10.87
N ALA H 62 8.06 30.72 -10.73
CA ALA H 62 8.96 30.34 -9.65
C ALA H 62 10.35 30.93 -9.87
N GLU H 63 10.83 30.94 -11.12
CA GLU H 63 12.11 31.55 -11.42
C GLU H 63 12.07 33.07 -11.35
N LYS H 64 10.88 33.67 -11.25
CA LYS H 64 10.77 35.11 -11.18
C LYS H 64 10.98 35.61 -9.75
N GLN H 65 10.31 34.98 -8.79
CA GLN H 65 10.12 35.58 -7.47
C GLN H 65 10.98 34.99 -6.37
N LEU H 66 11.56 33.81 -6.55
CA LEU H 66 12.29 33.17 -5.48
C LEU H 66 13.78 33.45 -5.64
N PRO H 67 14.40 34.19 -4.72
CA PRO H 67 15.84 34.45 -4.86
C PRO H 67 16.63 33.16 -4.90
N GLY H 68 17.44 33.01 -5.94
CA GLY H 68 18.28 31.83 -6.05
C GLY H 68 17.53 30.56 -6.36
N PHE H 69 16.49 30.63 -7.18
CA PHE H 69 15.81 29.43 -7.64
C PHE H 69 16.78 28.55 -8.42
N LYS H 70 16.81 27.26 -8.06
CA LYS H 70 17.59 26.28 -8.78
C LYS H 70 16.73 25.03 -8.92
N LEU H 71 16.38 24.68 -10.15
CA LEU H 71 15.64 23.45 -10.39
C LEU H 71 16.56 22.24 -10.20
N HIS H 72 16.04 21.24 -9.50
CA HIS H 72 16.69 19.94 -9.40
C HIS H 72 16.03 18.89 -10.27
N LYS H 73 14.70 18.90 -10.35
CA LYS H 73 13.98 17.84 -11.02
C LYS H 73 12.69 18.37 -11.60
N ARG H 74 12.22 17.71 -12.65
CA ARG H 74 10.84 17.79 -13.08
C ARG H 74 10.37 16.39 -13.45
N TRP H 75 9.26 15.97 -12.86
CA TRP H 75 8.70 14.64 -13.09
C TRP H 75 7.25 14.76 -13.51
N ASP H 76 6.97 14.48 -14.78
CA ASP H 76 5.59 14.38 -15.26
C ASP H 76 5.05 13.02 -14.87
N ILE H 77 4.10 12.99 -13.94
CA ILE H 77 3.60 11.74 -13.39
C ILE H 77 2.08 11.70 -13.46
N ASN H 78 1.47 10.75 -12.75
CA ASN H 78 0.02 10.58 -12.78
C ASN H 78 -0.44 10.04 -11.45
N ILE H 79 -1.49 10.63 -10.89
CA ILE H 79 -2.07 10.20 -9.62
C ILE H 79 -3.51 9.80 -9.90
N HIS H 80 -3.76 8.49 -9.93
CA HIS H 80 -5.09 7.93 -10.10
C HIS H 80 -5.85 8.64 -11.22
N GLY H 81 -5.18 8.81 -12.35
CA GLY H 81 -5.81 9.36 -13.54
C GLY H 81 -5.72 10.86 -13.69
N HIS H 82 -5.16 11.57 -12.70
CA HIS H 82 -4.98 13.01 -12.79
C HIS H 82 -3.55 13.32 -13.21
N ALA H 83 -3.40 14.18 -14.22
CA ALA H 83 -2.07 14.59 -14.66
C ALA H 83 -1.40 15.41 -13.57
N ALA H 84 -0.15 15.08 -13.25
CA ALA H 84 0.57 15.75 -12.18
C ALA H 84 2.02 15.92 -12.56
N VAL H 85 2.60 17.05 -12.12
CA VAL H 85 4.02 17.33 -12.28
C VAL H 85 4.61 17.56 -10.89
N LEU H 86 5.72 16.88 -10.60
CA LEU H 86 6.47 17.07 -9.37
C LEU H 86 7.77 17.78 -9.71
N LEU H 87 8.07 18.84 -8.97
CA LEU H 87 9.31 19.58 -9.13
C LEU H 87 10.07 19.57 -7.81
N ASP H 88 11.33 19.17 -7.85
CA ASP H 88 12.28 19.50 -6.81
C ASP H 88 13.03 20.74 -7.26
N TYR H 89 12.97 21.80 -6.45
CA TYR H 89 13.78 22.99 -6.67
C TYR H 89 14.19 23.53 -5.31
N GLN H 90 15.01 24.59 -5.34
CA GLN H 90 15.67 25.10 -4.15
C GLN H 90 15.82 26.60 -4.32
N TRP H 91 15.58 27.33 -3.23
CA TRP H 91 15.74 28.78 -3.26
C TRP H 91 16.29 29.27 -1.93
N GLN H 92 16.59 30.57 -1.89
CA GLN H 92 17.34 31.18 -0.80
C GLN H 92 16.48 32.24 -0.12
N ARG H 93 16.19 32.04 1.17
CA ARG H 93 15.64 33.11 1.98
C ARG H 93 16.46 33.26 3.26
N GLU H 94 16.74 34.50 3.62
CA GLU H 94 17.50 34.81 4.83
C GLU H 94 18.86 34.13 4.82
N GLY H 95 19.42 33.93 3.63
CA GLY H 95 20.69 33.23 3.52
C GLY H 95 20.63 31.80 3.95
N ARG H 96 19.44 31.21 3.95
CA ARG H 96 19.24 29.84 4.42
C ARG H 96 18.69 29.01 3.26
N ASP H 97 19.45 27.99 2.87
CA ASP H 97 19.13 27.21 1.67
C ASP H 97 17.90 26.35 1.93
N LEU H 98 16.81 26.67 1.25
CA LEU H 98 15.55 25.97 1.39
C LEU H 98 15.34 25.02 0.21
N MET H 99 15.03 23.77 0.53
CA MET H 99 14.80 22.71 -0.46
C MET H 99 13.30 22.46 -0.53
N LEU H 100 12.73 22.62 -1.73
CA LEU H 100 11.30 22.50 -1.91
C LEU H 100 10.96 21.29 -2.77
N ARG H 101 9.84 20.65 -2.44
CA ARG H 101 9.29 19.53 -3.19
C ARG H 101 7.82 19.83 -3.42
N GLN H 102 7.46 20.15 -4.66
CA GLN H 102 6.14 20.66 -4.99
C GLN H 102 5.49 19.76 -6.02
N VAL H 103 4.19 19.48 -5.81
CA VAL H 103 3.41 18.62 -6.71
C VAL H 103 2.15 19.37 -7.13
N PHE H 104 1.90 19.44 -8.42
CA PHE H 104 0.70 20.04 -8.98
C PHE H 104 -0.20 18.95 -9.54
N ILE H 105 -1.47 18.95 -9.12
CA ILE H 105 -2.42 17.91 -9.52
C ILE H 105 -3.56 18.58 -10.28
N GLU H 106 -3.74 18.18 -11.54
CA GLU H 106 -4.79 18.76 -12.37
C GLU H 106 -6.15 18.29 -11.88
N ARG H 107 -7.01 19.25 -11.53
CA ARG H 107 -8.35 18.96 -11.04
C ARG H 107 -9.18 20.20 -11.21
N ARG H 108 -10.50 20.01 -11.16
CA ARG H 108 -11.45 21.12 -11.23
C ARG H 108 -12.28 21.21 -9.96
N PRO H 109 -12.66 22.42 -9.53
CA PRO H 109 -12.40 23.67 -10.26
C PRO H 109 -10.97 24.23 -10.13
N ALA H 110 -10.11 23.60 -9.35
CA ALA H 110 -8.81 24.17 -9.04
C ALA H 110 -7.73 23.11 -9.01
N VAL H 111 -6.53 23.48 -9.48
CA VAL H 111 -5.37 22.63 -9.31
C VAL H 111 -5.01 22.55 -7.84
N LEU H 112 -4.70 21.35 -7.37
CA LEU H 112 -4.15 21.17 -6.04
C LEU H 112 -2.63 21.27 -6.11
N ILE H 113 -2.03 21.94 -5.12
CA ILE H 113 -0.58 22.08 -5.02
C ILE H 113 -0.17 21.62 -3.63
N THR H 114 0.76 20.67 -3.57
CA THR H 114 1.34 20.21 -2.32
C THR H 114 2.79 20.67 -2.26
N THR H 115 3.16 21.35 -1.17
CA THR H 115 4.45 22.03 -1.08
C THR H 115 5.14 21.60 0.21
N LEU H 116 6.20 20.80 0.09
CA LEU H 116 7.06 20.48 1.22
C LEU H 116 8.25 21.42 1.21
N THR H 117 8.50 22.09 2.33
CA THR H 117 9.63 22.99 2.49
C THR H 117 10.54 22.43 3.57
N THR H 118 11.82 22.30 3.24
CA THR H 118 12.80 21.74 4.16
C THR H 118 14.17 22.31 3.79
N THR H 119 15.24 21.66 4.23
CA THR H 119 16.59 22.01 3.84
C THR H 119 17.21 20.84 3.09
N PRO H 120 18.14 21.10 2.16
CA PRO H 120 18.81 19.96 1.47
C PRO H 120 19.34 18.94 2.46
N ALA H 121 19.84 19.39 3.61
CA ALA H 121 20.38 18.48 4.60
C ALA H 121 19.31 17.59 5.22
N ASP H 122 18.09 18.11 5.37
CA ASP H 122 17.03 17.39 6.07
C ASP H 122 16.05 16.70 5.13
N LEU H 123 16.11 16.95 3.83
CA LEU H 123 15.21 16.26 2.90
C LEU H 123 15.25 14.75 3.08
N PRO H 124 16.41 14.10 3.20
CA PRO H 124 16.42 12.64 3.36
C PRO H 124 15.62 12.15 4.57
N HIS H 125 15.63 12.92 5.67
CA HIS H 125 14.92 12.48 6.86
C HIS H 125 13.41 12.63 6.70
N HIS H 126 12.96 13.71 6.06
CA HIS H 126 11.54 13.99 5.91
C HIS H 126 10.95 13.35 4.66
N GLU H 127 11.77 12.81 3.77
CA GLU H 127 11.25 12.21 2.55
C GLU H 127 10.28 11.07 2.85
N PRO H 128 10.61 10.10 3.70
CA PRO H 128 9.63 9.03 4.00
C PRO H 128 8.26 9.55 4.45
N ALA H 129 8.22 10.46 5.43
CA ALA H 129 6.94 10.97 5.88
C ALA H 129 6.21 11.70 4.75
N TRP H 130 6.95 12.45 3.93
CA TRP H 130 6.32 13.13 2.81
C TRP H 130 5.77 12.14 1.78
N LYS H 131 6.53 11.06 1.51
CA LYS H 131 6.09 10.11 0.50
C LYS H 131 4.91 9.28 1.00
N GLN H 132 4.86 8.97 2.30
CA GLN H 132 3.70 8.26 2.83
C GLN H 132 2.43 9.09 2.62
N ALA H 133 2.54 10.41 2.76
CA ALA H 133 1.37 11.27 2.58
C ALA H 133 0.93 11.29 1.12
N MET H 134 1.86 11.56 0.20
CA MET H 134 1.48 11.74 -1.20
C MET H 134 1.04 10.44 -1.86
N GLN H 135 1.64 9.31 -1.49
CA GLN H 135 1.24 8.04 -2.09
C GLN H 135 -0.17 7.62 -1.68
N THR H 136 -0.69 8.16 -0.58
CA THR H 136 -2.06 7.88 -0.16
C THR H 136 -3.04 8.94 -0.62
N LEU H 137 -2.57 10.04 -1.19
CA LEU H 137 -3.45 11.08 -1.70
C LEU H 137 -4.31 10.53 -2.83
N VAL H 138 -5.59 10.29 -2.56
CA VAL H 138 -6.52 9.78 -3.55
C VAL H 138 -7.52 10.91 -3.85
N PRO H 139 -7.48 11.50 -5.04
CA PRO H 139 -8.46 12.54 -5.36
C PRO H 139 -9.88 11.99 -5.23
N ARG H 140 -10.83 12.89 -5.01
CA ARG H 140 -12.22 12.47 -4.92
C ARG H 140 -13.12 13.55 -5.49
N PRO H 141 -14.27 13.18 -6.04
CA PRO H 141 -15.10 14.16 -6.74
C PRO H 141 -15.85 15.07 -5.79
N THR H 142 -16.23 16.23 -6.32
CA THR H 142 -17.02 17.22 -5.58
C THR H 142 -18.11 17.71 -6.53
N PRO H 143 -19.25 16.99 -6.60
CA PRO H 143 -20.33 17.35 -7.54
C PRO H 143 -20.64 18.84 -7.59
N ASP I 2 -0.40 30.54 -6.94
CA ASP I 2 0.78 30.20 -7.70
C ASP I 2 1.50 29.00 -7.10
N ALA I 3 2.60 28.60 -7.73
CA ALA I 3 3.62 27.84 -7.03
C ALA I 3 4.40 28.76 -6.11
N GLN I 4 4.55 30.02 -6.52
CA GLN I 4 5.20 31.02 -5.70
C GLN I 4 4.52 31.14 -4.34
N ALA I 5 3.19 31.26 -4.34
CA ALA I 5 2.46 31.43 -3.09
C ALA I 5 2.85 30.38 -2.07
N ALA I 6 2.76 29.11 -2.44
CA ALA I 6 3.00 28.04 -1.48
C ALA I 6 4.43 28.11 -0.94
N ALA I 7 5.39 28.49 -1.78
CA ALA I 7 6.76 28.64 -1.32
C ALA I 7 6.85 29.65 -0.18
N ARG I 8 5.99 30.65 -0.19
CA ARG I 8 5.93 31.59 0.92
C ARG I 8 5.44 30.91 2.20
N LEU I 9 4.23 30.32 2.12
CA LEU I 9 3.61 29.73 3.30
C LEU I 9 4.51 28.69 3.95
N GLY I 10 4.97 27.71 3.19
CA GLY I 10 5.82 26.68 3.76
C GLY I 10 7.02 27.25 4.48
N ASP I 11 7.53 28.38 4.01
CA ASP I 11 8.73 29.01 4.56
C ASP I 11 8.41 29.74 5.86
N GLU I 12 7.47 30.69 5.80
CA GLU I 12 7.09 31.41 7.01
C GLU I 12 6.57 30.46 8.08
N ILE I 13 5.97 29.34 7.66
CA ILE I 13 5.53 28.33 8.61
C ILE I 13 6.70 27.52 9.15
N ALA I 14 7.79 27.43 8.38
CA ALA I 14 8.93 26.61 8.79
C ALA I 14 9.80 27.30 9.83
N HIS I 15 9.81 28.64 9.84
CA HIS I 15 10.59 29.40 10.81
C HIS I 15 9.71 30.04 11.88
N GLY I 16 8.45 29.62 11.99
CA GLY I 16 7.56 30.16 13.00
C GLY I 16 7.22 31.63 12.79
N GLY I 18 2.13 31.91 8.72
CA GLY I 18 2.74 32.28 9.98
C GLY I 18 1.83 33.14 10.84
N VAL I 19 0.53 33.04 10.60
CA VAL I 19 -0.43 33.90 11.30
C VAL I 19 -0.43 33.58 12.80
N ALA I 20 -0.46 32.28 13.14
CA ALA I 20 -0.77 31.88 14.51
C ALA I 20 0.44 31.84 15.44
N ALA I 21 1.66 32.03 14.94
CA ALA I 21 2.83 31.96 15.81
C ALA I 21 2.94 33.16 16.74
N MET I 22 2.48 34.35 16.31
CA MET I 22 2.50 35.57 17.13
C MET I 22 1.11 35.93 17.66
N VAL I 23 0.19 36.30 16.78
CA VAL I 23 -1.06 36.89 17.25
C VAL I 23 -1.99 35.81 17.78
N ALA I 24 -2.88 36.23 18.69
CA ALA I 24 -3.85 35.35 19.32
C ALA I 24 -4.98 35.02 18.36
N GLY I 25 -5.64 33.90 18.63
CA GLY I 25 -6.61 33.36 17.68
C GLY I 25 -7.59 34.40 17.17
N ALA I 26 -8.23 35.13 18.08
CA ALA I 26 -9.23 36.12 17.67
C ALA I 26 -8.59 37.22 16.82
N VAL I 27 -7.46 37.75 17.26
CA VAL I 27 -6.74 38.77 16.49
C VAL I 27 -6.43 38.24 15.09
N ALA I 28 -5.82 37.05 15.02
CA ALA I 28 -5.41 36.50 13.73
C ALA I 28 -6.59 36.39 12.78
N GLY I 29 -7.66 35.72 13.20
CA GLY I 29 -8.81 35.54 12.34
C GLY I 29 -9.24 36.84 11.67
N ALA I 30 -9.36 37.91 12.46
CA ALA I 30 -9.76 39.20 11.89
C ALA I 30 -8.73 39.71 10.89
N LEU I 31 -7.44 39.58 11.21
CA LEU I 31 -6.39 40.07 10.32
C LEU I 31 -6.45 39.37 8.96
N ILE I 32 -6.58 38.03 8.98
CA ILE I 32 -6.74 37.30 7.72
C ILE I 32 -8.00 37.76 7.01
N GLY I 33 -9.13 37.76 7.71
CA GLY I 33 -10.39 38.14 7.08
C GLY I 33 -10.31 39.47 6.39
N ALA I 34 -9.72 40.46 7.07
CA ALA I 34 -9.51 41.76 6.44
C ALA I 34 -8.59 41.63 5.22
N ALA I 35 -7.41 41.04 5.41
CA ALA I 35 -6.50 40.85 4.29
C ALA I 35 -7.17 40.14 3.13
N VAL I 36 -7.97 39.11 3.42
CA VAL I 36 -8.57 38.31 2.36
C VAL I 36 -9.41 39.18 1.44
N VAL I 37 -10.30 40.01 2.00
CA VAL I 37 -11.15 40.82 1.15
C VAL I 37 -10.32 41.85 0.38
N ALA I 38 -9.39 42.50 1.05
CA ALA I 38 -8.58 43.54 0.42
C ALA I 38 -7.58 42.95 -0.56
N ALA I 47 -2.14 32.69 -0.11
CA ALA I 47 -1.72 33.86 -0.89
C ALA I 47 -1.87 35.13 -0.05
N ALA I 48 -3.08 35.37 0.46
CA ALA I 48 -3.34 36.50 1.34
C ALA I 48 -3.09 36.17 2.80
N VAL I 49 -2.57 34.98 3.09
CA VAL I 49 -2.20 34.60 4.46
C VAL I 49 -0.82 35.10 4.85
N ILE I 50 -0.07 35.65 3.90
CA ILE I 50 1.20 36.31 4.23
C ILE I 50 0.97 37.78 4.59
N LEU I 51 -0.06 38.41 4.03
CA LEU I 51 -0.43 39.75 4.47
C LEU I 51 -0.87 39.74 5.94
N ALA I 52 -1.47 38.63 6.38
CA ALA I 52 -1.85 38.48 7.78
C ALA I 52 -0.65 38.22 8.68
N GLY I 53 0.52 37.94 8.11
CA GLY I 53 1.73 37.82 8.89
C GLY I 53 2.48 39.12 8.96
N SER I 54 2.29 39.98 7.96
CA SER I 54 3.00 41.25 7.89
C SER I 54 2.21 42.39 8.51
N ILE I 55 0.88 42.36 8.45
CA ILE I 55 0.09 43.33 9.21
C ILE I 55 0.19 43.03 10.70
N ALA I 56 0.31 41.75 11.05
CA ALA I 56 0.51 41.34 12.43
C ALA I 56 1.98 41.49 12.81
#